data_3HJ4
#
_entry.id   3HJ4
#
_cell.length_a   63.208
_cell.length_b   102.027
_cell.length_c   66.074
_cell.angle_alpha   90.000
_cell.angle_beta   111.990
_cell.angle_gamma   90.000
#
_symmetry.space_group_name_H-M   'P 1 21 1'
#
loop_
_entity.id
_entity.type
_entity.pdbx_description
1 polymer 'Minor Editosome-Associated TUTase'
2 water water
#
_entity_poly.entity_id   1
_entity_poly.type   'polypeptide(L)'
_entity_poly.pdbx_seq_one_letter_code
;(MSE)VAKREFIRG(MSE)(MSE)AHYRASLPPPEHSVVIHELQKRVLDIG(MSE)LAVNKAHVELFGSHVSGFCTPHSD
ADISLTYRNFSPWLQG(MSE)ERVDEQNNKR(MSE)TRFGKEASA(MSE)G(MSE)EDVRYIRARIPVVQFTDGVTGIHC
DVSIGNIGGVENSKILCAIRQVFPDFYGAYIHLVKAWGKAREVIAPERSTFNSFTVTT(MSE)AL(MSE)VLQELGLLPV
FSKPTGEFGELTVADAE(MSE)LLQEFKLPPIYDSLHDDDEKLGEAVFFCLQRFAEYYAKYDFSAGTVSLIHPRRHRTVY
ERVVRRHLELLGSRKRLEWEKHIAEHKEDGPLDENDFSAS(MSE)QNETTQRPSNSPYVVEDFVNYVNCGRRVQASRVRH
IQQEFNRLRE(MSE)LIDKESELKFDEVFRESDTVP
;
_entity_poly.pdbx_strand_id   A,B
#
# COMPACT_ATOMS: atom_id res chain seq x y z
N VAL A 2 1.48 20.68 0.98
CA VAL A 2 2.03 19.32 1.25
C VAL A 2 0.92 18.32 1.66
N ALA A 3 -0.13 18.84 2.30
CA ALA A 3 -1.20 18.00 2.84
C ALA A 3 -1.91 17.24 1.73
N LYS A 4 -2.29 17.95 0.67
CA LYS A 4 -2.97 17.35 -0.48
C LYS A 4 -2.13 16.27 -1.13
N ARG A 5 -0.85 16.59 -1.32
CA ARG A 5 0.04 15.68 -2.03
C ARG A 5 0.20 14.38 -1.25
N GLU A 6 0.31 14.49 0.08
CA GLU A 6 0.46 13.31 0.92
C GLU A 6 -0.86 12.54 1.11
N PHE A 7 -1.96 13.27 1.10
CA PHE A 7 -3.30 12.64 1.12
C PHE A 7 -3.49 11.78 -0.12
N ILE A 8 -3.09 12.30 -1.27
CA ILE A 8 -3.18 11.57 -2.55
C ILE A 8 -2.27 10.35 -2.59
N ARG A 9 -1.05 10.49 -2.07
CA ARG A 9 -0.12 9.36 -2.01
C ARG A 9 -0.73 8.27 -1.13
N GLY A 10 -1.31 8.66 -0.01
CA GLY A 10 -1.87 7.68 0.91
C GLY A 10 -3.12 7.01 0.39
N MSE A 11 -3.98 7.77 -0.29
CA MSE A 11 -5.21 7.18 -0.81
C MSE A 11 -4.89 6.20 -1.96
O MSE A 11 -5.53 5.15 -2.06
CB MSE A 11 -6.22 8.26 -1.20
CG MSE A 11 -6.00 8.92 -2.53
SE MSE A 11 -7.18 10.49 -2.81
CE MSE A 11 -7.26 10.25 -4.74
N MSE A 12 -3.92 6.52 -2.81
CA MSE A 12 -3.54 5.59 -3.89
C MSE A 12 -2.87 4.32 -3.34
O MSE A 12 -3.12 3.24 -3.83
CB MSE A 12 -2.69 6.28 -4.94
CG MSE A 12 -3.46 7.41 -5.67
SE MSE A 12 -5.18 6.85 -6.48
CE MSE A 12 -4.42 5.82 -7.94
N ALA A 13 -2.04 4.49 -2.31
CA ALA A 13 -1.48 3.34 -1.60
C ALA A 13 -2.57 2.43 -1.02
N HIS A 14 -3.62 3.03 -0.47
CA HIS A 14 -4.73 2.28 0.14
C HIS A 14 -5.45 1.48 -0.96
N TYR A 15 -5.68 2.13 -2.09
CA TYR A 15 -6.22 1.46 -3.28
C TYR A 15 -5.32 0.30 -3.76
N ARG A 16 -4.02 0.55 -3.88
CA ARG A 16 -3.11 -0.49 -4.37
C ARG A 16 -3.07 -1.67 -3.40
N ALA A 17 -3.16 -1.38 -2.11
CA ALA A 17 -3.14 -2.42 -1.08
C ALA A 17 -4.41 -3.27 -1.09
N SER A 18 -5.49 -2.71 -1.63
CA SER A 18 -6.84 -3.32 -1.72
C SER A 18 -6.98 -4.30 -2.86
N LEU A 19 -6.15 -4.14 -3.87
CA LEU A 19 -6.33 -4.82 -5.14
C LEU A 19 -5.94 -6.27 -5.05
N PRO A 20 -6.75 -7.16 -5.63
CA PRO A 20 -6.40 -8.58 -5.54
C PRO A 20 -5.06 -9.00 -6.21
N PRO A 21 -4.41 -10.06 -5.67
CA PRO A 21 -3.15 -10.52 -6.28
C PRO A 21 -3.33 -11.09 -7.68
N PRO A 22 -2.20 -11.32 -8.38
CA PRO A 22 -2.21 -11.89 -9.73
C PRO A 22 -3.19 -13.05 -9.88
N GLU A 23 -3.04 -14.06 -9.03
CA GLU A 23 -3.80 -15.29 -9.19
C GLU A 23 -5.24 -15.19 -8.69
N HIS A 24 -5.77 -14.00 -8.38
CA HIS A 24 -7.12 -13.93 -7.81
C HIS A 24 -8.14 -14.53 -8.77
N SER A 25 -7.94 -14.36 -10.09
CA SER A 25 -8.91 -14.92 -11.03
C SER A 25 -8.98 -16.45 -10.90
N VAL A 26 -7.84 -17.06 -10.57
CA VAL A 26 -7.79 -18.51 -10.39
C VAL A 26 -8.54 -18.89 -9.12
N VAL A 27 -8.35 -18.13 -8.05
CA VAL A 27 -9.05 -18.33 -6.78
C VAL A 27 -10.59 -18.28 -6.98
N ILE A 28 -11.08 -17.29 -7.71
CA ILE A 28 -12.50 -17.12 -7.92
C ILE A 28 -13.06 -18.23 -8.82
N HIS A 29 -12.27 -18.63 -9.81
CA HIS A 29 -12.64 -19.75 -10.67
C HIS A 29 -12.85 -21.01 -9.83
N GLU A 30 -11.91 -21.28 -8.93
CA GLU A 30 -11.99 -22.49 -8.11
C GLU A 30 -13.14 -22.40 -7.08
N LEU A 31 -13.44 -21.20 -6.61
CA LEU A 31 -14.60 -20.98 -5.72
C LEU A 31 -15.89 -21.34 -6.46
N GLN A 32 -16.03 -20.83 -7.68
CA GLN A 32 -17.19 -21.15 -8.52
C GLN A 32 -17.32 -22.66 -8.70
N LYS A 33 -16.21 -23.32 -9.02
CA LYS A 33 -16.24 -24.79 -9.27
C LYS A 33 -16.66 -25.54 -8.00
N ARG A 34 -16.14 -25.10 -6.86
CA ARG A 34 -16.47 -25.70 -5.56
C ARG A 34 -17.97 -25.53 -5.21
N VAL A 35 -18.52 -24.36 -5.46
CA VAL A 35 -19.96 -24.13 -5.27
C VAL A 35 -20.79 -24.92 -6.29
N LEU A 36 -20.33 -25.05 -7.54
CA LEU A 36 -20.97 -25.94 -8.46
C LEU A 36 -20.98 -27.40 -7.99
N ASP A 37 -19.88 -27.87 -7.41
CA ASP A 37 -19.82 -29.22 -6.83
C ASP A 37 -20.98 -29.43 -5.84
N ILE A 38 -21.18 -28.46 -4.93
CA ILE A 38 -22.31 -28.48 -3.98
C ILE A 38 -23.66 -28.50 -4.73
N GLY A 39 -23.83 -27.57 -5.66
CA GLY A 39 -25.06 -27.49 -6.45
C GLY A 39 -25.42 -28.78 -7.17
N MSE A 40 -24.41 -29.43 -7.75
CA MSE A 40 -24.60 -30.66 -8.52
C MSE A 40 -25.13 -31.81 -7.68
O MSE A 40 -25.76 -32.72 -8.21
CB MSE A 40 -23.31 -31.04 -9.27
CG MSE A 40 -23.10 -30.17 -10.48
SE MSE A 40 -21.73 -30.69 -11.69
CE MSE A 40 -20.23 -30.47 -10.50
N LEU A 41 -24.92 -31.74 -6.37
CA LEU A 41 -25.52 -32.71 -5.45
C LEU A 41 -27.00 -32.45 -5.13
N ALA A 42 -27.43 -31.20 -5.24
CA ALA A 42 -28.69 -30.71 -4.68
C ALA A 42 -29.81 -30.55 -5.71
N VAL A 43 -29.45 -30.26 -6.97
CA VAL A 43 -30.44 -29.92 -7.98
C VAL A 43 -30.02 -30.56 -9.30
N ASN A 44 -30.95 -30.68 -10.25
CA ASN A 44 -30.65 -31.21 -11.58
C ASN A 44 -30.15 -30.12 -12.52
N LYS A 45 -29.20 -30.51 -13.39
CA LYS A 45 -28.49 -29.60 -14.30
C LYS A 45 -28.11 -28.30 -13.60
N ALA A 46 -27.44 -28.44 -12.44
CA ALA A 46 -26.95 -27.29 -11.69
C ALA A 46 -26.08 -26.36 -12.55
N HIS A 47 -26.31 -25.08 -12.35
CA HIS A 47 -25.52 -24.01 -12.95
C HIS A 47 -25.29 -22.95 -11.89
N VAL A 48 -24.05 -22.48 -11.80
CA VAL A 48 -23.66 -21.55 -10.76
C VAL A 48 -22.95 -20.35 -11.40
N GLU A 49 -23.46 -19.16 -11.14
CA GLU A 49 -22.87 -17.93 -11.64
C GLU A 49 -22.59 -17.03 -10.47
N LEU A 50 -21.35 -16.58 -10.33
CA LEU A 50 -21.04 -15.51 -9.37
C LEU A 50 -21.55 -14.14 -9.86
N PHE A 51 -21.82 -13.26 -8.91
CA PHE A 51 -22.03 -11.86 -9.23
C PHE A 51 -21.54 -11.02 -8.05
N GLY A 52 -21.71 -9.70 -8.13
CA GLY A 52 -21.18 -8.81 -7.09
C GLY A 52 -19.76 -8.40 -7.38
N SER A 53 -19.07 -8.03 -6.31
CA SER A 53 -17.72 -7.40 -6.35
C SER A 53 -16.72 -8.18 -7.14
N HIS A 54 -16.70 -9.51 -7.00
CA HIS A 54 -15.69 -10.31 -7.68
C HIS A 54 -15.86 -10.36 -9.17
N VAL A 55 -17.06 -10.03 -9.66
CA VAL A 55 -17.33 -9.99 -11.11
C VAL A 55 -17.14 -8.58 -11.69
N SER A 56 -17.62 -7.56 -10.98
CA SER A 56 -17.41 -6.17 -11.41
C SER A 56 -15.92 -5.80 -11.37
N GLY A 57 -15.21 -6.39 -10.40
CA GLY A 57 -13.81 -6.09 -10.12
C GLY A 57 -13.60 -4.93 -9.15
N PHE A 58 -14.69 -4.31 -8.69
CA PHE A 58 -14.63 -3.37 -7.56
C PHE A 58 -14.64 -4.16 -6.27
N CYS A 59 -13.51 -4.83 -6.01
CA CYS A 59 -13.38 -5.84 -4.95
C CYS A 59 -12.01 -5.81 -4.27
N THR A 60 -11.98 -6.37 -3.08
CA THR A 60 -10.73 -6.81 -2.46
C THR A 60 -10.75 -8.33 -2.49
N PRO A 61 -9.62 -8.96 -2.12
CA PRO A 61 -9.62 -10.41 -2.10
C PRO A 61 -10.66 -11.05 -1.16
N HIS A 62 -11.14 -10.31 -0.16
CA HIS A 62 -12.07 -10.85 0.82
C HIS A 62 -13.50 -10.34 0.66
N SER A 63 -13.81 -9.69 -0.46
CA SER A 63 -15.17 -9.18 -0.65
C SER A 63 -16.17 -10.33 -0.67
N ASP A 64 -17.41 -10.04 -0.27
CA ASP A 64 -18.49 -11.04 -0.30
C ASP A 64 -18.71 -11.55 -1.71
N ALA A 65 -19.02 -12.84 -1.84
CA ALA A 65 -19.37 -13.44 -3.13
C ALA A 65 -20.87 -13.68 -3.16
N ASP A 66 -21.55 -13.11 -4.14
CA ASP A 66 -22.94 -13.46 -4.40
C ASP A 66 -22.99 -14.52 -5.47
N ILE A 67 -23.90 -15.47 -5.31
CA ILE A 67 -23.95 -16.60 -6.20
C ILE A 67 -25.40 -16.88 -6.62
N SER A 68 -25.61 -17.05 -7.92
CA SER A 68 -26.91 -17.38 -8.46
C SER A 68 -26.91 -18.85 -8.89
N LEU A 69 -27.81 -19.61 -8.28
CA LEU A 69 -28.00 -21.06 -8.56
C LEU A 69 -29.20 -21.21 -9.49
N THR A 70 -28.99 -21.85 -10.63
CA THR A 70 -30.11 -22.27 -11.49
C THR A 70 -30.00 -23.80 -11.77
N TYR A 71 -30.99 -24.33 -12.49
CA TYR A 71 -31.21 -25.76 -12.56
C TYR A 71 -32.14 -26.07 -13.73
N ARG A 72 -32.29 -27.36 -14.02
CA ARG A 72 -33.16 -27.83 -15.10
C ARG A 72 -34.55 -27.26 -15.00
N ASN A 73 -34.97 -26.58 -16.06
CA ASN A 73 -36.29 -25.94 -16.16
C ASN A 73 -36.52 -24.78 -15.19
N PHE A 74 -35.45 -24.19 -14.69
CA PHE A 74 -35.55 -22.93 -13.99
C PHE A 74 -36.19 -21.89 -14.91
N SER A 75 -37.05 -21.07 -14.30
CA SER A 75 -37.57 -19.87 -14.90
C SER A 75 -37.56 -18.72 -13.89
N PRO A 76 -37.04 -17.55 -14.30
CA PRO A 76 -37.06 -16.39 -13.41
C PRO A 76 -38.47 -15.85 -13.11
N TRP A 77 -39.43 -16.27 -13.92
CA TRP A 77 -40.77 -15.73 -13.88
C TRP A 77 -41.64 -16.39 -12.82
N LEU A 78 -41.21 -17.55 -12.34
CA LEU A 78 -42.07 -18.36 -11.49
C LEU A 78 -41.90 -18.13 -10.00
N GLN A 79 -40.88 -17.40 -9.57
CA GLN A 79 -40.76 -17.19 -8.14
C GLN A 79 -41.96 -16.31 -7.68
N GLY A 80 -42.51 -16.57 -6.51
CA GLY A 80 -43.81 -16.02 -6.10
C GLY A 80 -44.99 -16.96 -6.33
N MSE A 81 -44.85 -17.90 -7.25
CA MSE A 81 -45.83 -18.98 -7.31
C MSE A 81 -45.56 -19.94 -6.16
O MSE A 81 -44.49 -20.54 -6.07
CB MSE A 81 -45.80 -19.70 -8.64
CG MSE A 81 -46.79 -20.85 -8.66
SE MSE A 81 -46.71 -21.85 -10.29
CE MSE A 81 -46.69 -20.43 -11.45
N GLU A 82 -46.53 -20.05 -5.26
CA GLU A 82 -46.39 -20.83 -4.04
C GLU A 82 -45.82 -22.23 -4.27
N ARG A 83 -46.34 -22.97 -5.25
CA ARG A 83 -45.87 -24.33 -5.52
C ARG A 83 -44.39 -24.40 -5.96
N VAL A 84 -43.94 -23.41 -6.71
CA VAL A 84 -42.56 -23.38 -7.21
C VAL A 84 -41.62 -22.88 -6.12
N ASP A 85 -42.11 -21.93 -5.32
CA ASP A 85 -41.38 -21.42 -4.16
C ASP A 85 -41.09 -22.58 -3.19
N GLU A 86 -42.07 -23.47 -3.01
CA GLU A 86 -41.93 -24.69 -2.20
C GLU A 86 -40.82 -25.56 -2.77
N GLN A 87 -40.81 -25.74 -4.08
CA GLN A 87 -39.80 -26.59 -4.71
C GLN A 87 -38.40 -25.95 -4.57
N ASN A 88 -38.32 -24.64 -4.74
CA ASN A 88 -37.05 -23.94 -4.51
C ASN A 88 -36.57 -24.08 -3.04
N ASN A 89 -37.49 -24.11 -2.08
CA ASN A 89 -37.10 -24.40 -0.71
C ASN A 89 -36.58 -25.81 -0.53
N LYS A 90 -37.15 -26.80 -1.22
CA LYS A 90 -36.57 -28.15 -1.20
C LYS A 90 -35.14 -28.18 -1.78
N ARG A 91 -34.93 -27.43 -2.84
CA ARG A 91 -33.62 -27.34 -3.46
C ARG A 91 -32.59 -26.70 -2.50
N MSE A 92 -32.96 -25.59 -1.85
CA MSE A 92 -32.03 -24.87 -1.00
C MSE A 92 -31.79 -25.59 0.33
O MSE A 92 -30.69 -25.53 0.87
CB MSE A 92 -32.46 -23.42 -0.82
CG MSE A 92 -32.50 -22.68 -2.16
SE MSE A 92 -30.72 -22.53 -2.99
CE MSE A 92 -30.66 -20.82 -2.13
N THR A 93 -32.80 -26.33 0.79
CA THR A 93 -32.62 -27.21 1.95
C THR A 93 -31.52 -28.22 1.67
N ARG A 94 -31.60 -28.89 0.53
CA ARG A 94 -30.57 -29.87 0.19
C ARG A 94 -29.22 -29.17 -0.04
N PHE A 95 -29.24 -28.02 -0.71
CA PHE A 95 -28.01 -27.28 -0.95
C PHE A 95 -27.27 -26.97 0.34
N GLY A 96 -27.98 -26.52 1.37
CA GLY A 96 -27.32 -26.24 2.66
C GLY A 96 -26.68 -27.46 3.31
N LYS A 97 -27.41 -28.58 3.28
CA LYS A 97 -26.89 -29.84 3.86
C LYS A 97 -25.60 -30.29 3.14
N GLU A 98 -25.59 -30.17 1.82
CA GLU A 98 -24.45 -30.58 1.00
C GLU A 98 -23.27 -29.60 1.19
N ALA A 99 -23.57 -28.31 1.34
CA ALA A 99 -22.52 -27.32 1.69
C ALA A 99 -21.78 -27.65 2.99
N SER A 100 -22.54 -27.95 4.04
CA SER A 100 -21.98 -28.41 5.29
C SER A 100 -21.12 -29.68 5.07
N ALA A 101 -21.66 -30.66 4.37
CA ALA A 101 -20.94 -31.93 4.14
C ALA A 101 -19.58 -31.67 3.48
N MSE A 102 -19.55 -30.76 2.53
CA MSE A 102 -18.30 -30.50 1.80
C MSE A 102 -17.30 -29.62 2.52
O MSE A 102 -16.18 -29.46 2.09
CB MSE A 102 -18.65 -29.96 0.44
CG MSE A 102 -19.50 -30.98 -0.23
SE MSE A 102 -18.57 -31.55 -1.77
CE MSE A 102 -19.47 -30.31 -2.84
N GLY A 103 -17.72 -29.08 3.66
CA GLY A 103 -16.84 -28.35 4.55
C GLY A 103 -16.98 -26.83 4.52
N MSE A 104 -18.10 -26.32 4.02
CA MSE A 104 -18.38 -24.90 4.16
C MSE A 104 -18.69 -24.62 5.63
O MSE A 104 -19.25 -25.45 6.31
CB MSE A 104 -19.55 -24.48 3.30
CG MSE A 104 -19.37 -24.74 1.80
SE MSE A 104 -17.74 -23.99 0.96
CE MSE A 104 -16.55 -25.55 1.08
N GLU A 105 -18.33 -23.41 6.07
CA GLU A 105 -18.48 -23.04 7.49
C GLU A 105 -19.72 -22.16 7.73
N ASP A 106 -20.28 -22.23 8.94
CA ASP A 106 -21.37 -21.33 9.33
C ASP A 106 -22.53 -21.36 8.33
N VAL A 107 -22.89 -22.53 7.84
CA VAL A 107 -23.97 -22.66 6.87
C VAL A 107 -25.34 -22.30 7.50
N ARG A 108 -26.03 -21.35 6.87
CA ARG A 108 -27.34 -20.90 7.33
C ARG A 108 -28.32 -20.91 6.16
N TYR A 109 -29.38 -21.71 6.28
CA TYR A 109 -30.46 -21.75 5.29
C TYR A 109 -31.58 -20.95 5.88
N ILE A 110 -31.99 -19.92 5.15
CA ILE A 110 -33.09 -19.05 5.57
C ILE A 110 -34.31 -19.38 4.73
N ARG A 111 -35.19 -20.22 5.29
CA ARG A 111 -36.45 -20.58 4.63
C ARG A 111 -37.31 -19.34 4.49
N ALA A 112 -37.58 -18.97 3.24
CA ALA A 112 -38.51 -17.89 2.95
C ALA A 112 -39.11 -18.20 1.57
N ARG A 113 -40.12 -17.46 1.15
CA ARG A 113 -40.66 -17.65 -0.21
C ARG A 113 -39.56 -17.43 -1.26
N ILE A 114 -38.63 -16.51 -1.00
CA ILE A 114 -37.34 -16.52 -1.73
C ILE A 114 -36.13 -16.92 -0.83
N PRO A 115 -35.78 -18.21 -0.87
CA PRO A 115 -34.75 -18.77 0.00
C PRO A 115 -33.30 -18.41 -0.37
N VAL A 116 -32.48 -18.24 0.65
CA VAL A 116 -31.03 -18.09 0.47
C VAL A 116 -30.28 -19.04 1.39
N VAL A 117 -29.07 -19.42 0.97
CA VAL A 117 -28.15 -20.14 1.84
C VAL A 117 -26.89 -19.31 1.92
N GLN A 118 -26.47 -18.99 3.13
CA GLN A 118 -25.22 -18.25 3.35
C GLN A 118 -24.19 -19.17 3.98
N PHE A 119 -22.92 -18.95 3.67
CA PHE A 119 -21.84 -19.66 4.35
C PHE A 119 -20.51 -18.94 4.18
N THR A 120 -19.52 -19.33 4.97
CA THR A 120 -18.17 -18.85 4.81
C THR A 120 -17.43 -19.97 4.09
N ASP A 121 -16.82 -19.64 2.97
CA ASP A 121 -16.07 -20.63 2.23
C ASP A 121 -15.01 -21.31 3.11
N GLY A 122 -15.06 -22.64 3.12
CA GLY A 122 -14.11 -23.46 3.89
C GLY A 122 -12.67 -23.30 3.43
N VAL A 123 -12.45 -22.73 2.24
CA VAL A 123 -11.10 -22.52 1.70
C VAL A 123 -10.59 -21.11 1.88
N THR A 124 -11.33 -20.11 1.37
CA THR A 124 -10.90 -18.70 1.32
C THR A 124 -11.38 -17.85 2.52
N GLY A 125 -12.39 -18.31 3.23
CA GLY A 125 -13.08 -17.49 4.25
C GLY A 125 -14.00 -16.40 3.72
N ILE A 126 -14.13 -16.29 2.39
CA ILE A 126 -15.08 -15.37 1.73
C ILE A 126 -16.52 -15.74 2.09
N HIS A 127 -17.31 -14.74 2.47
CA HIS A 127 -18.73 -14.92 2.79
C HIS A 127 -19.50 -15.04 1.48
N CYS A 128 -20.29 -16.10 1.39
CA CYS A 128 -21.05 -16.43 0.21
C CYS A 128 -22.54 -16.39 0.50
N ASP A 129 -23.29 -15.75 -0.40
CA ASP A 129 -24.73 -15.67 -0.35
C ASP A 129 -25.24 -16.35 -1.63
N VAL A 130 -25.92 -17.48 -1.48
CA VAL A 130 -26.43 -18.25 -2.62
C VAL A 130 -27.95 -18.13 -2.64
N SER A 131 -28.49 -17.76 -3.80
CA SER A 131 -29.93 -17.67 -3.98
C SER A 131 -30.30 -18.24 -5.33
N ILE A 132 -31.58 -18.53 -5.51
CA ILE A 132 -31.98 -19.05 -6.81
C ILE A 132 -32.21 -17.93 -7.84
N GLY A 133 -31.47 -17.99 -8.95
CA GLY A 133 -31.80 -17.23 -10.13
C GLY A 133 -31.79 -15.73 -9.99
N ASN A 134 -30.70 -15.20 -9.46
CA ASN A 134 -30.51 -13.76 -9.42
C ASN A 134 -29.93 -13.27 -10.75
N ILE A 135 -30.81 -13.32 -11.76
CA ILE A 135 -30.47 -12.97 -13.13
C ILE A 135 -30.07 -11.49 -13.26
N GLY A 136 -30.81 -10.58 -12.60
CA GLY A 136 -30.45 -9.17 -12.63
C GLY A 136 -29.08 -8.91 -12.01
N GLY A 137 -28.75 -9.65 -10.96
CA GLY A 137 -27.47 -9.48 -10.26
C GLY A 137 -26.31 -9.79 -11.18
N VAL A 138 -26.44 -10.89 -11.91
CA VAL A 138 -25.41 -11.31 -12.85
C VAL A 138 -25.21 -10.26 -13.95
N GLU A 139 -26.30 -9.78 -14.54
CA GLU A 139 -26.16 -8.80 -15.61
C GLU A 139 -25.63 -7.46 -15.11
N ASN A 140 -26.08 -7.05 -13.92
CA ASN A 140 -25.64 -5.80 -13.33
C ASN A 140 -24.14 -5.80 -13.12
N SER A 141 -23.62 -6.90 -12.58
CA SER A 141 -22.18 -6.99 -12.33
C SER A 141 -21.34 -6.97 -13.62
N LYS A 142 -21.86 -7.59 -14.66
CA LYS A 142 -21.22 -7.57 -15.97
C LYS A 142 -21.14 -6.16 -16.59
N ILE A 143 -22.18 -5.35 -16.36
CA ILE A 143 -22.23 -3.96 -16.81
C ILE A 143 -21.19 -3.17 -16.05
N LEU A 144 -21.12 -3.37 -14.73
CA LEU A 144 -20.11 -2.68 -13.93
C LEU A 144 -18.69 -3.04 -14.31
N CYS A 145 -18.46 -4.32 -14.62
CA CYS A 145 -17.18 -4.77 -15.16
C CYS A 145 -16.81 -4.05 -16.45
N ALA A 146 -17.76 -3.92 -17.37
CA ALA A 146 -17.51 -3.22 -18.63
C ALA A 146 -17.13 -1.76 -18.38
N ILE A 147 -17.78 -1.15 -17.38
CA ILE A 147 -17.45 0.21 -16.97
C ILE A 147 -16.01 0.28 -16.46
N ARG A 148 -15.68 -0.58 -15.50
CA ARG A 148 -14.31 -0.60 -14.95
C ARG A 148 -13.25 -0.76 -16.06
N GLN A 149 -13.55 -1.58 -17.06
N GLN A 149 -13.56 -1.57 -17.06
CA GLN A 149 -12.55 -1.92 -18.07
CA GLN A 149 -12.60 -1.92 -18.10
C GLN A 149 -12.18 -0.76 -19.01
C GLN A 149 -12.19 -0.77 -19.02
N VAL A 150 -12.99 0.29 -19.03
CA VAL A 150 -12.60 1.53 -19.74
C VAL A 150 -11.21 2.06 -19.26
N PHE A 151 -10.93 1.97 -17.96
CA PHE A 151 -9.62 2.36 -17.37
C PHE A 151 -9.62 1.85 -15.92
N PRO A 152 -9.21 0.58 -15.70
CA PRO A 152 -9.45 -0.04 -14.39
C PRO A 152 -8.94 0.70 -13.17
N ASP A 153 -7.74 1.25 -13.23
CA ASP A 153 -7.21 1.93 -12.05
C ASP A 153 -7.87 3.27 -11.76
N PHE A 154 -8.38 3.94 -12.80
CA PHE A 154 -9.13 5.20 -12.56
C PHE A 154 -10.48 4.91 -11.87
N TYR A 155 -11.34 4.17 -12.56
CA TYR A 155 -12.64 3.84 -11.97
C TYR A 155 -12.47 3.02 -10.67
N GLY A 156 -11.51 2.10 -10.67
CA GLY A 156 -11.25 1.27 -9.49
C GLY A 156 -10.84 2.05 -8.25
N ALA A 157 -9.92 2.98 -8.43
CA ALA A 157 -9.43 3.76 -7.30
C ALA A 157 -10.54 4.64 -6.76
N TYR A 158 -11.28 5.27 -7.67
CA TYR A 158 -12.39 6.14 -7.29
C TYR A 158 -13.46 5.38 -6.49
N ILE A 159 -13.90 4.24 -7.03
CA ILE A 159 -14.96 3.48 -6.39
C ILE A 159 -14.48 2.87 -5.06
N HIS A 160 -13.24 2.37 -5.06
CA HIS A 160 -12.64 1.85 -3.83
C HIS A 160 -12.65 2.88 -2.70
N LEU A 161 -12.23 4.11 -3.01
CA LEU A 161 -12.11 5.14 -1.98
C LEU A 161 -13.48 5.64 -1.50
N VAL A 162 -14.42 5.78 -2.41
CA VAL A 162 -15.79 6.08 -2.02
C VAL A 162 -16.32 5.04 -1.05
N LYS A 163 -16.09 3.77 -1.35
CA LYS A 163 -16.56 2.67 -0.47
C LYS A 163 -15.79 2.61 0.86
N ALA A 164 -14.50 2.86 0.81
CA ALA A 164 -13.67 2.89 2.02
C ALA A 164 -14.18 3.97 2.98
N TRP A 165 -14.41 5.16 2.44
CA TRP A 165 -15.00 6.25 3.22
C TRP A 165 -16.39 5.88 3.74
N GLY A 166 -17.24 5.40 2.83
CA GLY A 166 -18.61 5.07 3.18
C GLY A 166 -18.73 4.07 4.33
N LYS A 167 -17.92 3.02 4.28
CA LYS A 167 -17.93 1.99 5.32
C LYS A 167 -17.36 2.52 6.63
N ALA A 168 -16.28 3.29 6.54
CA ALA A 168 -15.67 3.89 7.73
C ALA A 168 -16.65 4.78 8.45
N ARG A 169 -17.44 5.53 7.69
CA ARG A 169 -18.34 6.55 8.27
C ARG A 169 -19.79 6.07 8.43
N GLU A 170 -20.01 4.77 8.25
CA GLU A 170 -21.33 4.12 8.35
C GLU A 170 -22.40 4.69 7.40
N VAL A 171 -21.93 5.30 6.32
CA VAL A 171 -22.81 5.68 5.19
C VAL A 171 -23.19 4.42 4.43
N ILE A 172 -22.26 3.47 4.41
CA ILE A 172 -22.48 2.11 3.95
C ILE A 172 -22.54 1.21 5.18
N ALA A 173 -23.76 0.89 5.61
CA ALA A 173 -23.99 0.06 6.78
C ALA A 173 -25.42 -0.45 6.70
N PRO A 174 -25.68 -1.42 5.80
CA PRO A 174 -27.06 -1.85 5.57
C PRO A 174 -27.75 -2.42 6.83
N GLU A 175 -26.99 -2.99 7.76
CA GLU A 175 -27.55 -3.50 9.03
C GLU A 175 -28.07 -2.36 9.92
N ARG A 176 -27.55 -1.15 9.72
CA ARG A 176 -27.99 0.04 10.45
C ARG A 176 -28.86 0.96 9.60
N SER A 177 -29.46 0.39 8.55
CA SER A 177 -30.42 1.07 7.70
C SER A 177 -29.85 2.26 6.93
N THR A 178 -28.55 2.24 6.66
CA THR A 178 -27.99 3.14 5.65
C THR A 178 -27.77 2.36 4.34
N PHE A 179 -26.93 2.89 3.46
CA PHE A 179 -26.80 2.32 2.12
C PHE A 179 -26.04 0.99 2.08
N ASN A 180 -26.27 0.22 1.03
CA ASN A 180 -25.35 -0.85 0.65
C ASN A 180 -24.31 -0.37 -0.37
N SER A 181 -23.30 -1.20 -0.60
CA SER A 181 -22.19 -0.81 -1.46
C SER A 181 -22.60 -0.61 -2.94
N PHE A 182 -23.54 -1.41 -3.44
CA PHE A 182 -23.95 -1.28 -4.85
C PHE A 182 -24.61 0.09 -5.02
N THR A 183 -25.42 0.50 -4.04
CA THR A 183 -26.15 1.76 -4.11
C THR A 183 -25.16 2.95 -4.17
N VAL A 184 -24.17 2.91 -3.31
CA VAL A 184 -23.22 4.03 -3.25
C VAL A 184 -22.32 4.00 -4.51
N THR A 185 -22.01 2.81 -4.99
CA THR A 185 -21.28 2.67 -6.24
C THR A 185 -22.04 3.35 -7.38
N THR A 186 -23.32 3.06 -7.49
CA THR A 186 -24.17 3.68 -8.51
C THR A 186 -24.19 5.20 -8.40
N MSE A 187 -24.38 5.68 -7.19
CA MSE A 187 -24.32 7.12 -6.92
C MSE A 187 -23.01 7.74 -7.38
O MSE A 187 -23.00 8.81 -7.98
CB MSE A 187 -24.47 7.38 -5.42
CG MSE A 187 -25.89 7.09 -4.81
SE MSE A 187 -26.09 7.05 -2.93
CE MSE A 187 -25.53 8.90 -2.57
N ALA A 188 -21.90 7.07 -7.09
CA ALA A 188 -20.60 7.61 -7.45
C ALA A 188 -20.42 7.63 -8.97
N LEU A 189 -20.92 6.60 -9.65
CA LEU A 189 -20.78 6.52 -11.10
C LEU A 189 -21.60 7.63 -11.79
N MSE A 190 -22.75 7.98 -11.22
CA MSE A 190 -23.58 9.03 -11.83
C MSE A 190 -22.82 10.39 -11.80
O MSE A 190 -22.95 11.18 -12.72
CB MSE A 190 -24.94 9.21 -11.15
CG MSE A 190 -25.87 10.11 -11.98
SE MSE A 190 -27.60 10.49 -11.13
CE MSE A 190 -27.09 11.73 -9.76
N VAL A 191 -22.06 10.64 -10.71
CA VAL A 191 -21.22 11.86 -10.64
C VAL A 191 -20.24 11.87 -11.81
N LEU A 192 -19.62 10.72 -12.10
CA LEU A 192 -18.75 10.63 -13.28
C LEU A 192 -19.47 10.97 -14.59
N GLN A 193 -20.69 10.47 -14.75
CA GLN A 193 -21.50 10.82 -15.93
C GLN A 193 -21.71 12.33 -16.03
N GLU A 194 -22.06 12.92 -14.91
CA GLU A 194 -22.27 14.37 -14.84
C GLU A 194 -21.04 15.19 -15.21
N LEU A 195 -19.86 14.65 -14.87
CA LEU A 195 -18.57 15.25 -15.26
C LEU A 195 -18.11 14.96 -16.70
N GLY A 196 -18.84 14.10 -17.40
CA GLY A 196 -18.45 13.65 -18.74
C GLY A 196 -17.37 12.58 -18.75
N LEU A 197 -17.18 11.91 -17.61
CA LEU A 197 -16.14 10.90 -17.46
C LEU A 197 -16.69 9.45 -17.57
N LEU A 198 -17.96 9.36 -17.94
CA LEU A 198 -18.64 8.12 -18.25
C LEU A 198 -19.83 8.50 -19.13
N PRO A 199 -20.17 7.66 -20.12
CA PRO A 199 -21.35 8.00 -20.92
C PRO A 199 -22.64 7.73 -20.16
N VAL A 200 -23.72 8.37 -20.61
CA VAL A 200 -25.07 8.11 -20.13
C VAL A 200 -25.72 6.99 -20.92
N PHE A 201 -26.27 5.99 -20.24
CA PHE A 201 -26.82 4.80 -20.87
C PHE A 201 -28.27 5.07 -21.25
N SER A 202 -28.45 6.00 -22.17
CA SER A 202 -29.76 6.59 -22.41
C SER A 202 -30.69 5.77 -23.29
N LYS A 203 -30.20 4.68 -23.86
CA LYS A 203 -31.00 3.86 -24.78
C LYS A 203 -31.02 2.41 -24.35
N PRO A 204 -31.70 2.11 -23.24
CA PRO A 204 -31.86 0.71 -22.88
C PRO A 204 -32.76 -0.01 -23.89
N THR A 205 -32.36 -1.22 -24.29
CA THR A 205 -33.09 -1.95 -25.35
C THR A 205 -33.59 -3.31 -24.87
N GLY A 206 -33.59 -3.54 -23.57
CA GLY A 206 -34.11 -4.76 -23.01
C GLY A 206 -35.59 -4.98 -23.30
N GLU A 207 -35.99 -6.24 -23.22
CA GLU A 207 -37.35 -6.68 -23.49
C GLU A 207 -38.38 -5.99 -22.57
N PHE A 208 -37.94 -5.56 -21.38
CA PHE A 208 -38.79 -4.87 -20.40
C PHE A 208 -38.34 -3.43 -20.18
N GLY A 209 -37.59 -2.92 -21.17
CA GLY A 209 -37.11 -1.55 -21.19
C GLY A 209 -35.88 -1.29 -20.34
N GLU A 210 -35.27 -2.37 -19.82
CA GLU A 210 -34.10 -2.29 -18.97
C GLU A 210 -32.79 -2.23 -19.77
N LEU A 211 -31.71 -1.85 -19.09
CA LEU A 211 -30.40 -1.82 -19.68
C LEU A 211 -29.80 -3.23 -19.73
N THR A 212 -29.23 -3.58 -20.89
CA THR A 212 -28.58 -4.87 -21.07
C THR A 212 -27.06 -4.75 -21.08
N VAL A 213 -26.38 -5.88 -20.92
CA VAL A 213 -24.92 -5.90 -20.99
C VAL A 213 -24.45 -5.43 -22.37
N ALA A 214 -25.17 -5.82 -23.42
CA ALA A 214 -24.82 -5.42 -24.79
C ALA A 214 -25.02 -3.90 -25.02
N ASP A 215 -26.09 -3.33 -24.45
CA ASP A 215 -26.28 -1.89 -24.47
C ASP A 215 -25.05 -1.16 -23.93
N ALA A 216 -24.58 -1.57 -22.75
CA ALA A 216 -23.47 -0.91 -22.08
C ALA A 216 -22.18 -1.10 -22.86
N GLU A 217 -21.91 -2.32 -23.31
CA GLU A 217 -20.68 -2.65 -24.02
C GLU A 217 -20.57 -1.81 -25.28
N MSE A 218 -21.66 -1.78 -26.04
CA MSE A 218 -21.69 -1.06 -27.32
C MSE A 218 -21.46 0.44 -27.14
O MSE A 218 -20.79 1.07 -27.94
CB MSE A 218 -23.00 -1.34 -28.06
CG MSE A 218 -23.15 -2.81 -28.50
SE MSE A 218 -22.39 -3.26 -30.26
CE MSE A 218 -20.47 -2.92 -29.95
N LEU A 219 -21.96 1.00 -26.04
CA LEU A 219 -21.73 2.41 -25.74
C LEU A 219 -20.33 2.69 -25.18
N LEU A 220 -19.78 1.78 -24.38
CA LEU A 220 -18.47 1.99 -23.75
C LEU A 220 -17.28 1.71 -24.67
N GLN A 221 -17.50 0.87 -25.69
CA GLN A 221 -16.40 0.41 -26.54
C GLN A 221 -15.56 1.56 -27.07
N GLU A 222 -16.21 2.60 -27.61
CA GLU A 222 -15.47 3.73 -28.17
C GLU A 222 -15.63 5.00 -27.34
N PHE A 223 -15.96 4.85 -26.05
CA PHE A 223 -16.10 6.01 -25.20
C PHE A 223 -14.70 6.55 -24.94
N LYS A 224 -14.55 7.86 -24.99
CA LYS A 224 -13.25 8.47 -24.75
C LYS A 224 -13.19 9.32 -23.47
N LEU A 225 -12.22 9.02 -22.62
CA LEU A 225 -11.82 9.92 -21.55
C LEU A 225 -11.05 11.10 -22.15
N PRO A 226 -10.90 12.19 -21.38
CA PRO A 226 -10.08 13.29 -21.89
C PRO A 226 -8.68 12.81 -22.25
N PRO A 227 -8.05 13.47 -23.23
CA PRO A 227 -6.75 12.97 -23.69
C PRO A 227 -5.69 12.90 -22.59
N ILE A 228 -5.77 13.80 -21.62
CA ILE A 228 -4.83 13.79 -20.50
C ILE A 228 -4.81 12.42 -19.81
N TYR A 229 -5.94 11.71 -19.80
CA TYR A 229 -5.99 10.40 -19.13
C TYR A 229 -5.03 9.37 -19.73
N ASP A 230 -4.65 9.55 -20.99
CA ASP A 230 -3.67 8.65 -21.61
C ASP A 230 -2.29 8.74 -20.95
N SER A 231 -2.06 9.79 -20.16
CA SER A 231 -0.79 10.02 -19.46
C SER A 231 -0.81 9.62 -17.98
N LEU A 232 -1.90 8.98 -17.54
CA LEU A 232 -2.11 8.68 -16.11
C LEU A 232 -1.94 7.18 -15.77
N HIS A 233 -1.50 6.39 -16.75
CA HIS A 233 -1.48 4.93 -16.58
C HIS A 233 -0.26 4.40 -15.84
N ASP A 234 0.81 5.19 -15.76
CA ASP A 234 2.09 4.74 -15.18
C ASP A 234 2.48 5.46 -13.89
N ASP A 235 1.65 6.39 -13.44
CA ASP A 235 2.05 7.29 -12.35
C ASP A 235 0.86 7.61 -11.46
N ASP A 236 0.88 7.10 -10.22
CA ASP A 236 -0.24 7.26 -9.28
C ASP A 236 -0.32 8.65 -8.65
N GLU A 237 0.78 9.41 -8.71
CA GLU A 237 0.70 10.82 -8.32
C GLU A 237 -0.18 11.57 -9.31
N LYS A 238 -0.02 11.29 -10.60
CA LYS A 238 -0.78 11.96 -11.66
C LYS A 238 -2.22 11.43 -11.74
N LEU A 239 -2.37 10.11 -11.71
CA LEU A 239 -3.71 9.51 -11.69
C LEU A 239 -4.45 9.95 -10.41
N GLY A 240 -3.72 9.95 -9.28
CA GLY A 240 -4.25 10.40 -7.98
C GLY A 240 -4.86 11.80 -7.98
N GLU A 241 -4.26 12.72 -8.73
CA GLU A 241 -4.85 14.05 -8.91
C GLU A 241 -6.22 14.00 -9.58
N ALA A 242 -6.36 13.16 -10.62
CA ALA A 242 -7.67 12.97 -11.28
C ALA A 242 -8.71 12.37 -10.31
N VAL A 243 -8.30 11.31 -9.62
CA VAL A 243 -9.20 10.66 -8.66
C VAL A 243 -9.61 11.60 -7.54
N PHE A 244 -8.65 12.39 -7.06
CA PHE A 244 -8.93 13.33 -5.96
C PHE A 244 -9.97 14.36 -6.40
N PHE A 245 -9.84 14.88 -7.62
CA PHE A 245 -10.78 15.86 -8.16
C PHE A 245 -12.18 15.25 -8.19
N CYS A 246 -12.28 14.04 -8.73
CA CYS A 246 -13.56 13.31 -8.76
C CYS A 246 -14.13 13.06 -7.36
N LEU A 247 -13.29 12.75 -6.37
CA LEU A 247 -13.77 12.60 -4.99
C LEU A 247 -14.34 13.90 -4.42
N GLN A 248 -13.62 15.00 -4.68
CA GLN A 248 -14.16 16.32 -4.36
C GLN A 248 -15.53 16.57 -4.97
N ARG A 249 -15.68 16.25 -6.26
CA ARG A 249 -16.95 16.49 -6.98
C ARG A 249 -18.05 15.59 -6.43
N PHE A 250 -17.70 14.35 -6.09
CA PHE A 250 -18.63 13.41 -5.47
C PHE A 250 -19.17 13.89 -4.11
N ALA A 251 -18.28 14.34 -3.23
CA ALA A 251 -18.68 14.75 -1.88
C ALA A 251 -19.59 15.96 -2.01
N GLU A 252 -19.18 16.90 -2.84
CA GLU A 252 -19.95 18.11 -3.08
C GLU A 252 -21.30 17.80 -3.68
N TYR A 253 -21.30 16.93 -4.69
CA TYR A 253 -22.54 16.55 -5.38
C TYR A 253 -23.64 16.12 -4.43
N TYR A 254 -23.36 15.12 -3.59
CA TYR A 254 -24.40 14.59 -2.70
C TYR A 254 -24.53 15.38 -1.40
N ALA A 255 -23.58 16.24 -1.08
CA ALA A 255 -23.84 17.18 0.01
C ALA A 255 -25.00 18.12 -0.34
N LYS A 256 -25.11 18.45 -1.63
CA LYS A 256 -26.07 19.44 -2.11
C LYS A 256 -27.25 18.88 -2.90
N TYR A 257 -27.18 17.63 -3.36
CA TYR A 257 -28.16 17.08 -4.30
C TYR A 257 -29.58 17.15 -3.74
N ASP A 258 -30.52 17.63 -4.54
CA ASP A 258 -31.91 17.68 -4.10
C ASP A 258 -32.62 16.37 -4.37
N PHE A 259 -32.67 15.52 -3.36
CA PHE A 259 -33.40 14.26 -3.43
C PHE A 259 -34.92 14.47 -3.28
N SER A 260 -35.40 15.69 -3.01
CA SER A 260 -36.86 15.90 -2.99
C SER A 260 -37.48 15.67 -4.37
N ALA A 261 -36.75 16.08 -5.41
CA ALA A 261 -37.15 15.98 -6.81
C ALA A 261 -36.40 14.89 -7.54
N GLY A 262 -35.10 14.79 -7.29
CA GLY A 262 -34.20 14.00 -8.11
C GLY A 262 -34.02 12.58 -7.60
N THR A 263 -33.83 11.67 -8.54
CA THR A 263 -33.39 10.30 -8.30
C THR A 263 -31.96 10.11 -8.81
N VAL A 264 -31.36 8.98 -8.47
CA VAL A 264 -30.08 8.58 -9.01
C VAL A 264 -30.32 7.47 -10.03
N SER A 265 -29.77 7.66 -11.23
CA SER A 265 -29.93 6.74 -12.36
C SER A 265 -28.74 6.87 -13.26
N LEU A 266 -28.27 5.75 -13.82
CA LEU A 266 -27.24 5.75 -14.85
C LEU A 266 -27.81 5.80 -16.26
N ILE A 267 -29.13 5.63 -16.35
CA ILE A 267 -29.83 5.71 -17.62
C ILE A 267 -30.25 7.16 -17.94
N HIS A 268 -30.76 7.85 -16.93
CA HIS A 268 -31.17 9.25 -17.03
C HIS A 268 -30.80 9.99 -15.75
N PRO A 269 -29.54 10.40 -15.65
CA PRO A 269 -29.14 11.13 -14.47
C PRO A 269 -30.10 12.28 -14.09
N ARG A 270 -30.49 12.35 -12.82
CA ARG A 270 -31.32 13.42 -12.22
C ARG A 270 -32.78 13.32 -12.58
N ARG A 271 -33.18 12.21 -13.22
CA ARG A 271 -34.58 11.98 -13.52
C ARG A 271 -35.49 12.20 -12.29
N HIS A 272 -36.56 12.96 -12.49
CA HIS A 272 -37.50 13.30 -11.40
C HIS A 272 -38.13 12.04 -10.81
N ARG A 273 -38.38 12.06 -9.49
CA ARG A 273 -39.10 10.97 -8.81
C ARG A 273 -40.37 10.54 -9.56
N THR A 274 -41.12 11.51 -10.04
CA THR A 274 -42.44 11.24 -10.60
C THR A 274 -42.29 10.67 -11.99
N VAL A 275 -41.15 10.93 -12.63
CA VAL A 275 -40.90 10.31 -13.92
C VAL A 275 -40.42 8.86 -13.69
N TYR A 276 -39.55 8.65 -12.72
CA TYR A 276 -39.18 7.29 -12.31
C TYR A 276 -40.45 6.46 -11.98
N GLU A 277 -41.41 7.06 -11.28
CA GLU A 277 -42.69 6.37 -11.01
C GLU A 277 -43.35 5.88 -12.30
N ARG A 278 -43.39 6.73 -13.33
CA ARG A 278 -43.97 6.34 -14.63
C ARG A 278 -43.16 5.22 -15.31
N VAL A 279 -41.84 5.35 -15.26
CA VAL A 279 -40.93 4.33 -15.76
C VAL A 279 -41.21 2.97 -15.06
N VAL A 280 -41.36 3.01 -13.74
CA VAL A 280 -41.67 1.82 -12.95
C VAL A 280 -43.00 1.21 -13.36
N ARG A 281 -44.02 2.05 -13.51
CA ARG A 281 -45.34 1.54 -13.86
C ARG A 281 -45.32 0.84 -15.21
N ARG A 282 -44.63 1.44 -16.19
CA ARG A 282 -44.50 0.88 -17.52
C ARG A 282 -43.75 -0.47 -17.48
N HIS A 283 -42.66 -0.51 -16.71
CA HIS A 283 -41.86 -1.73 -16.54
C HIS A 283 -42.70 -2.84 -15.94
N LEU A 284 -43.45 -2.50 -14.90
CA LEU A 284 -44.23 -3.49 -14.20
C LEU A 284 -45.38 -4.01 -15.04
N GLU A 285 -45.89 -3.21 -15.97
CA GLU A 285 -46.98 -3.67 -16.83
C GLU A 285 -46.42 -4.73 -17.77
N LEU A 286 -45.22 -4.49 -18.29
CA LEU A 286 -44.56 -5.49 -19.13
C LEU A 286 -44.20 -6.77 -18.33
N LEU A 287 -43.69 -6.57 -17.13
CA LEU A 287 -43.25 -7.68 -16.29
C LEU A 287 -44.47 -8.55 -15.96
N GLY A 288 -45.57 -7.90 -15.58
CA GLY A 288 -46.79 -8.63 -15.19
C GLY A 288 -47.35 -9.51 -16.29
N SER A 289 -47.40 -8.93 -17.49
CA SER A 289 -47.88 -9.66 -18.65
C SER A 289 -47.05 -10.93 -18.89
N ARG A 290 -45.73 -10.78 -18.85
CA ARG A 290 -44.83 -11.93 -19.01
C ARG A 290 -44.97 -12.95 -17.88
N LYS A 291 -45.00 -12.46 -16.64
CA LYS A 291 -45.12 -13.34 -15.51
C LYS A 291 -46.39 -14.19 -15.61
N ARG A 292 -47.52 -13.59 -15.97
CA ARG A 292 -48.78 -14.31 -16.05
C ARG A 292 -48.68 -15.40 -17.11
N LEU A 293 -48.14 -15.04 -18.29
CA LEU A 293 -47.95 -16.01 -19.36
C LEU A 293 -47.11 -17.21 -18.90
N GLU A 294 -46.04 -16.93 -18.17
CA GLU A 294 -45.14 -17.98 -17.70
C GLU A 294 -45.77 -18.84 -16.60
N TRP A 295 -46.55 -18.23 -15.71
CA TRP A 295 -47.29 -19.02 -14.72
C TRP A 295 -48.26 -19.99 -15.41
N GLU A 296 -48.98 -19.51 -16.42
CA GLU A 296 -49.88 -20.38 -17.19
C GLU A 296 -49.12 -21.48 -17.93
N LYS A 297 -47.91 -21.16 -18.43
CA LYS A 297 -47.12 -22.19 -19.12
C LYS A 297 -46.71 -23.28 -18.14
N HIS A 298 -46.31 -22.89 -16.93
CA HIS A 298 -45.99 -23.87 -15.89
C HIS A 298 -47.18 -24.75 -15.53
N ILE A 299 -48.34 -24.12 -15.32
CA ILE A 299 -49.54 -24.85 -14.96
C ILE A 299 -49.94 -25.82 -16.05
N ALA A 300 -49.78 -25.43 -17.31
CA ALA A 300 -50.06 -26.35 -18.39
C ALA A 300 -49.21 -27.61 -18.36
N GLU A 301 -47.97 -27.50 -17.88
CA GLU A 301 -47.04 -28.64 -17.80
C GLU A 301 -47.16 -29.39 -16.48
N HIS A 302 -47.83 -28.79 -15.51
CA HIS A 302 -47.95 -29.35 -14.16
C HIS A 302 -49.34 -28.98 -13.66
N LYS A 303 -50.35 -29.64 -14.21
CA LYS A 303 -51.71 -29.25 -14.01
C LYS A 303 -52.13 -29.28 -12.55
N GLU A 304 -51.52 -30.17 -11.76
CA GLU A 304 -51.90 -30.25 -10.34
C GLU A 304 -51.49 -29.01 -9.55
N ASP A 305 -50.68 -28.14 -10.17
CA ASP A 305 -50.31 -26.85 -9.57
C ASP A 305 -51.27 -25.74 -9.94
N GLY A 306 -52.28 -26.05 -10.75
CA GLY A 306 -53.29 -25.07 -11.11
C GLY A 306 -54.63 -25.21 -10.37
N PRO A 307 -55.62 -24.39 -10.75
CA PRO A 307 -55.48 -23.30 -11.73
C PRO A 307 -54.70 -22.11 -11.15
N LEU A 308 -54.41 -21.14 -12.00
CA LEU A 308 -53.68 -19.93 -11.58
C LEU A 308 -54.41 -19.28 -10.38
N ASP A 309 -53.65 -18.99 -9.32
CA ASP A 309 -54.18 -18.39 -8.10
C ASP A 309 -54.05 -16.87 -8.18
N GLU A 310 -55.15 -16.19 -8.42
CA GLU A 310 -55.12 -14.72 -8.59
C GLU A 310 -54.63 -13.98 -7.35
N ASN A 311 -54.90 -14.52 -6.15
CA ASN A 311 -54.44 -13.86 -4.93
C ASN A 311 -52.91 -13.93 -4.88
N ASP A 312 -52.36 -15.12 -5.13
CA ASP A 312 -50.91 -15.30 -5.13
CA ASP A 312 -50.90 -15.31 -5.14
C ASP A 312 -50.24 -14.44 -6.22
N PHE A 313 -50.86 -14.37 -7.39
CA PHE A 313 -50.31 -13.57 -8.48
C PHE A 313 -50.31 -12.09 -8.09
N SER A 314 -51.42 -11.61 -7.53
CA SER A 314 -51.50 -10.23 -7.04
CA SER A 314 -51.48 -10.22 -7.07
C SER A 314 -50.42 -9.96 -5.99
N ALA A 315 -50.23 -10.90 -5.07
CA ALA A 315 -49.21 -10.72 -4.03
C ALA A 315 -47.81 -10.61 -4.66
N SER A 316 -47.53 -11.40 -5.68
CA SER A 316 -46.22 -11.36 -6.34
CA SER A 316 -46.23 -11.36 -6.34
C SER A 316 -46.00 -10.00 -7.01
N MSE A 317 -47.03 -9.50 -7.70
CA MSE A 317 -46.92 -8.18 -8.33
C MSE A 317 -46.81 -7.05 -7.31
O MSE A 317 -46.12 -6.06 -7.54
CB MSE A 317 -48.08 -7.93 -9.31
CG MSE A 317 -47.99 -8.80 -10.57
SE MSE A 317 -46.20 -8.86 -11.42
CE MSE A 317 -46.00 -6.97 -11.86
N GLN A 318 -47.48 -7.20 -6.17
CA GLN A 318 -47.34 -6.24 -5.09
C GLN A 318 -45.90 -6.22 -4.58
N ASN A 319 -45.28 -7.38 -4.49
CA ASN A 319 -43.87 -7.44 -4.12
C ASN A 319 -42.97 -6.72 -5.14
N GLU A 320 -43.29 -6.84 -6.41
CA GLU A 320 -42.52 -6.12 -7.44
C GLU A 320 -42.70 -4.60 -7.22
N THR A 321 -43.90 -4.17 -6.89
CA THR A 321 -44.19 -2.77 -6.66
C THR A 321 -43.44 -2.24 -5.43
N THR A 322 -43.42 -3.02 -4.36
CA THR A 322 -42.78 -2.59 -3.10
C THR A 322 -41.26 -2.52 -3.18
N GLN A 323 -40.67 -3.17 -4.20
CA GLN A 323 -39.22 -3.03 -4.50
C GLN A 323 -38.87 -1.74 -5.27
N ARG A 324 -39.89 -1.03 -5.76
CA ARG A 324 -39.71 0.11 -6.65
C ARG A 324 -40.45 1.39 -6.17
N PRO A 325 -40.42 1.69 -4.85
CA PRO A 325 -41.09 2.94 -4.47
C PRO A 325 -40.39 4.20 -4.93
N SER A 326 -41.17 5.20 -5.34
CA SER A 326 -40.62 6.47 -5.80
C SER A 326 -40.65 7.56 -4.72
N ASN A 327 -41.13 7.21 -3.52
CA ASN A 327 -41.37 8.17 -2.44
C ASN A 327 -40.53 7.89 -1.19
N SER A 328 -39.55 6.99 -1.29
CA SER A 328 -38.65 6.70 -0.17
C SER A 328 -37.64 7.86 0.03
N PRO A 329 -36.97 7.89 1.18
CA PRO A 329 -35.97 8.94 1.42
C PRO A 329 -34.96 9.11 0.27
N TYR A 330 -34.46 8.00 -0.27
CA TYR A 330 -33.59 8.00 -1.43
C TYR A 330 -34.14 7.07 -2.50
N VAL A 331 -34.07 7.51 -3.76
CA VAL A 331 -34.35 6.66 -4.91
C VAL A 331 -33.08 6.49 -5.73
N VAL A 332 -32.52 5.29 -5.68
CA VAL A 332 -31.36 4.93 -6.47
C VAL A 332 -31.73 3.73 -7.36
N GLU A 333 -31.69 3.95 -8.66
CA GLU A 333 -32.21 3.01 -9.65
C GLU A 333 -31.21 1.95 -10.10
N ASP A 334 -31.57 0.68 -9.92
CA ASP A 334 -30.85 -0.42 -10.55
C ASP A 334 -31.24 -0.46 -12.02
N PHE A 335 -30.25 -0.25 -12.89
CA PHE A 335 -30.44 -0.12 -14.32
C PHE A 335 -30.90 -1.41 -15.02
N VAL A 336 -30.79 -2.58 -14.38
CA VAL A 336 -31.20 -3.82 -15.05
C VAL A 336 -32.64 -4.22 -14.75
N ASN A 337 -33.29 -3.57 -13.79
CA ASN A 337 -34.65 -3.97 -13.38
C ASN A 337 -35.51 -2.87 -12.72
N TYR A 338 -34.98 -1.64 -12.66
CA TYR A 338 -35.66 -0.47 -12.07
C TYR A 338 -35.96 -0.62 -10.60
N VAL A 339 -35.36 -1.61 -9.92
CA VAL A 339 -35.50 -1.70 -8.48
C VAL A 339 -34.88 -0.45 -7.82
N ASN A 340 -35.54 0.05 -6.78
CA ASN A 340 -34.98 1.13 -5.98
C ASN A 340 -34.09 0.52 -4.90
N CYS A 341 -32.78 0.48 -5.19
CA CYS A 341 -31.84 -0.19 -4.31
CA CYS A 341 -31.81 -0.16 -4.30
C CYS A 341 -31.56 0.62 -3.01
N GLY A 342 -31.99 1.89 -2.97
CA GLY A 342 -31.92 2.68 -1.74
C GLY A 342 -33.16 2.73 -0.86
N ARG A 343 -34.17 1.93 -1.20
CA ARG A 343 -35.48 2.01 -0.58
C ARG A 343 -35.50 1.65 0.90
N ARG A 344 -34.54 0.84 1.37
CA ARG A 344 -34.53 0.44 2.78
C ARG A 344 -33.91 1.46 3.73
N VAL A 345 -33.28 2.48 3.16
CA VAL A 345 -32.63 3.48 3.98
C VAL A 345 -33.76 4.27 4.68
N GLN A 346 -33.71 4.31 6.01
CA GLN A 346 -34.78 4.85 6.85
C GLN A 346 -34.66 6.35 6.95
N ALA A 347 -35.82 7.03 7.07
CA ALA A 347 -35.86 8.48 7.20
C ALA A 347 -35.05 8.96 8.40
N SER A 348 -35.03 8.16 9.46
CA SER A 348 -34.27 8.50 10.65
C SER A 348 -32.75 8.51 10.48
N ARG A 349 -32.24 7.89 9.41
CA ARG A 349 -30.80 7.83 9.14
C ARG A 349 -30.32 8.90 8.15
N VAL A 350 -31.24 9.67 7.60
CA VAL A 350 -30.89 10.69 6.59
C VAL A 350 -29.96 11.75 7.17
N ARG A 351 -30.26 12.22 8.39
CA ARG A 351 -29.38 13.20 9.04
C ARG A 351 -27.93 12.71 9.09
N HIS A 352 -27.71 11.46 9.48
CA HIS A 352 -26.35 10.90 9.49
C HIS A 352 -25.68 10.95 8.11
N ILE A 353 -26.38 10.45 7.11
CA ILE A 353 -25.82 10.35 5.79
C ILE A 353 -25.45 11.76 5.29
N GLN A 354 -26.40 12.70 5.39
CA GLN A 354 -26.20 14.05 4.84
C GLN A 354 -25.07 14.77 5.58
N GLN A 355 -25.00 14.60 6.89
CA GLN A 355 -23.92 15.20 7.65
C GLN A 355 -22.56 14.58 7.34
N GLU A 356 -22.51 13.27 7.07
CA GLU A 356 -21.26 12.67 6.64
C GLU A 356 -20.84 13.22 5.27
N PHE A 357 -21.78 13.45 4.37
CA PHE A 357 -21.43 14.16 3.12
C PHE A 357 -20.93 15.58 3.34
N ASN A 358 -21.59 16.34 4.23
CA ASN A 358 -21.12 17.68 4.56
C ASN A 358 -19.68 17.64 5.10
N ARG A 359 -19.41 16.67 5.97
CA ARG A 359 -18.10 16.49 6.57
C ARG A 359 -17.05 16.19 5.49
N LEU A 360 -17.34 15.23 4.62
CA LEU A 360 -16.42 14.86 3.55
C LEU A 360 -16.16 16.05 2.64
N ARG A 361 -17.22 16.76 2.24
CA ARG A 361 -17.07 17.96 1.42
C ARG A 361 -16.15 19.01 2.07
N GLU A 362 -16.39 19.29 3.34
CA GLU A 362 -15.63 20.29 4.06
C GLU A 362 -14.16 19.91 4.12
N MSE A 363 -13.89 18.64 4.38
CA MSE A 363 -12.50 18.20 4.56
C MSE A 363 -11.75 18.17 3.24
O MSE A 363 -10.59 18.60 3.16
CB MSE A 363 -12.45 16.85 5.28
CG MSE A 363 -12.94 16.91 6.72
SE MSE A 363 -13.00 15.20 7.63
CE MSE A 363 -11.20 15.11 8.36
N LEU A 364 -12.41 17.68 2.18
CA LEU A 364 -11.74 17.57 0.88
C LEU A 364 -11.59 18.91 0.16
N ILE A 365 -12.53 19.83 0.38
CA ILE A 365 -12.57 21.05 -0.41
C ILE A 365 -12.16 22.27 0.41
N ASP A 366 -12.94 22.58 1.44
CA ASP A 366 -12.69 23.79 2.24
C ASP A 366 -11.35 23.71 2.95
N LYS A 367 -11.06 22.55 3.53
CA LYS A 367 -9.86 22.34 4.33
C LYS A 367 -8.78 21.54 3.60
N GLU A 368 -8.72 21.67 2.27
CA GLU A 368 -7.77 20.92 1.47
C GLU A 368 -6.34 21.08 1.99
N SER A 369 -6.03 22.29 2.48
CA SER A 369 -4.71 22.61 3.00
CA SER A 369 -4.69 22.60 2.98
C SER A 369 -4.30 21.83 4.24
N GLU A 370 -5.29 21.27 4.95
CA GLU A 370 -5.10 20.52 6.21
C GLU A 370 -5.43 19.01 6.13
N LEU A 371 -5.52 18.47 4.93
CA LEU A 371 -5.92 17.08 4.73
C LEU A 371 -5.01 16.06 5.44
N LYS A 372 -5.66 15.08 6.09
CA LYS A 372 -4.99 13.92 6.68
C LYS A 372 -5.82 12.68 6.34
N PHE A 373 -5.24 11.74 5.62
CA PHE A 373 -5.94 10.49 5.26
C PHE A 373 -6.56 9.80 6.47
N ASP A 374 -5.79 9.66 7.55
CA ASP A 374 -6.25 8.96 8.74
C ASP A 374 -7.41 9.66 9.43
N GLU A 375 -7.62 10.93 9.14
CA GLU A 375 -8.78 11.65 9.69
C GLU A 375 -10.02 11.56 8.79
N VAL A 376 -9.87 11.84 7.51
CA VAL A 376 -11.03 11.72 6.58
C VAL A 376 -11.68 10.34 6.64
N PHE A 377 -10.82 9.31 6.61
CA PHE A 377 -11.24 7.91 6.60
C PHE A 377 -11.27 7.30 7.99
N ARG A 378 -11.25 8.16 9.02
CA ARG A 378 -11.33 7.71 10.40
C ARG A 378 -12.59 6.91 10.60
N GLU A 379 -12.40 5.70 11.11
CA GLU A 379 -13.52 4.86 11.41
C GLU A 379 -14.33 5.57 12.48
N SER A 380 -15.62 5.67 12.24
CA SER A 380 -16.54 6.27 13.17
C SER A 380 -16.46 5.51 14.50
N ASP A 381 -16.61 6.24 15.61
CA ASP A 381 -16.57 5.62 16.94
C ASP A 381 -17.62 4.49 17.06
N THR A 382 -18.72 4.65 16.32
CA THR A 382 -19.82 3.72 16.34
C THR A 382 -19.40 2.34 15.84
N VAL B 2 -4.46 -18.36 8.26
CA VAL B 2 -4.69 -17.22 7.34
C VAL B 2 -4.01 -15.93 7.82
N ALA B 3 -3.63 -15.89 9.11
CA ALA B 3 -2.92 -14.72 9.68
C ALA B 3 -1.59 -14.44 8.98
N LYS B 4 -0.81 -15.49 8.74
CA LYS B 4 0.48 -15.34 8.06
C LYS B 4 0.28 -14.78 6.67
N ARG B 5 -0.70 -15.31 5.93
CA ARG B 5 -0.98 -14.80 4.60
C ARG B 5 -1.37 -13.33 4.61
N GLU B 6 -2.23 -12.91 5.54
CA GLU B 6 -2.66 -11.51 5.62
C GLU B 6 -1.51 -10.62 6.07
N PHE B 7 -0.68 -11.14 6.98
CA PHE B 7 0.51 -10.41 7.43
C PHE B 7 1.47 -10.13 6.27
N ILE B 8 1.71 -11.13 5.43
CA ILE B 8 2.60 -10.96 4.27
C ILE B 8 2.00 -10.00 3.24
N ARG B 9 0.71 -10.15 2.99
CA ARG B 9 -0.01 -9.19 2.14
C ARG B 9 0.16 -7.75 2.67
N GLY B 10 -0.03 -7.55 3.98
CA GLY B 10 0.10 -6.22 4.57
C GLY B 10 1.51 -5.64 4.52
N MSE B 11 2.50 -6.46 4.84
CA MSE B 11 3.88 -6.00 4.83
C MSE B 11 4.36 -5.67 3.41
O MSE B 11 5.08 -4.69 3.24
CB MSE B 11 4.82 -7.00 5.51
CG MSE B 11 5.07 -8.22 4.76
SE MSE B 11 6.12 -9.58 5.68
CE MSE B 11 7.09 -10.08 4.10
N MSE B 12 3.93 -6.42 2.40
CA MSE B 12 4.31 -6.11 1.02
C MSE B 12 3.61 -4.84 0.54
O MSE B 12 4.19 -4.04 -0.19
CB MSE B 12 4.07 -7.28 0.09
CG MSE B 12 4.96 -8.50 0.36
SE MSE B 12 6.88 -8.11 0.39
CE MSE B 12 7.23 -7.83 -1.52
N ALA B 13 2.36 -4.65 0.94
CA ALA B 13 1.66 -3.41 0.62
C ALA B 13 2.34 -2.21 1.27
N HIS B 14 2.79 -2.38 2.52
CA HIS B 14 3.53 -1.33 3.24
C HIS B 14 4.82 -0.98 2.48
N TYR B 15 5.57 -1.99 2.04
CA TYR B 15 6.75 -1.77 1.17
C TYR B 15 6.37 -1.01 -0.11
N ARG B 16 5.36 -1.46 -0.82
CA ARG B 16 4.98 -0.82 -2.09
C ARG B 16 4.58 0.65 -1.88
N ALA B 17 3.93 0.92 -0.74
CA ALA B 17 3.49 2.27 -0.40
C ALA B 17 4.67 3.19 -0.13
N SER B 18 5.75 2.60 0.36
CA SER B 18 6.97 3.32 0.75
C SER B 18 7.81 3.76 -0.43
N LEU B 19 7.64 3.11 -1.58
CA LEU B 19 8.52 3.34 -2.72
C LEU B 19 8.34 4.70 -3.38
N PRO B 20 9.46 5.40 -3.69
CA PRO B 20 9.32 6.69 -4.37
C PRO B 20 8.60 6.64 -5.73
N PRO B 21 7.89 7.72 -6.08
CA PRO B 21 7.19 7.73 -7.36
C PRO B 21 8.13 7.70 -8.58
N PRO B 22 7.54 7.52 -9.77
CA PRO B 22 8.29 7.54 -11.03
C PRO B 22 9.27 8.70 -11.15
N GLU B 23 8.83 9.89 -10.78
CA GLU B 23 9.60 11.10 -11.03
C GLU B 23 10.63 11.37 -9.93
N HIS B 24 10.79 10.46 -8.97
CA HIS B 24 11.67 10.74 -7.82
C HIS B 24 13.11 11.03 -8.23
N SER B 25 13.64 10.32 -9.22
CA SER B 25 15.01 10.55 -9.66
C SER B 25 15.20 12.01 -10.08
N VAL B 26 14.17 12.58 -10.73
CA VAL B 26 14.22 14.00 -11.14
C VAL B 26 14.23 14.94 -9.93
N VAL B 27 13.39 14.64 -8.95
CA VAL B 27 13.32 15.46 -7.76
C VAL B 27 14.68 15.48 -7.05
N ILE B 28 15.34 14.31 -6.96
CA ILE B 28 16.61 14.22 -6.24
C ILE B 28 17.73 14.90 -7.06
N HIS B 29 17.67 14.77 -8.38
CA HIS B 29 18.61 15.44 -9.26
C HIS B 29 18.51 16.96 -9.11
N GLU B 30 17.28 17.47 -9.04
CA GLU B 30 17.07 18.91 -8.87
C GLU B 30 17.48 19.38 -7.47
N LEU B 31 17.30 18.51 -6.47
CA LEU B 31 17.80 18.80 -5.13
C LEU B 31 19.33 18.96 -5.13
N GLN B 32 20.04 18.02 -5.76
CA GLN B 32 21.50 18.12 -5.87
C GLN B 32 21.92 19.44 -6.55
N LYS B 33 21.19 19.82 -7.58
CA LYS B 33 21.54 21.03 -8.33
C LYS B 33 21.38 22.26 -7.46
N ARG B 34 20.29 22.28 -6.69
CA ARG B 34 19.97 23.38 -5.78
C ARG B 34 21.01 23.51 -4.65
N VAL B 35 21.43 22.39 -4.09
CA VAL B 35 22.48 22.40 -3.09
C VAL B 35 23.83 22.80 -3.70
N LEU B 36 24.11 22.38 -4.94
CA LEU B 36 25.29 22.86 -5.63
C LEU B 36 25.25 24.39 -5.86
N ASP B 37 24.08 24.92 -6.19
CA ASP B 37 23.93 26.38 -6.35
C ASP B 37 24.37 27.09 -5.06
N ILE B 38 23.98 26.55 -3.91
CA ILE B 38 24.40 27.10 -2.63
C ILE B 38 25.91 26.98 -2.46
N GLY B 39 26.44 25.78 -2.76
CA GLY B 39 27.87 25.51 -2.63
C GLY B 39 28.72 26.46 -3.44
N MSE B 40 28.30 26.74 -4.68
CA MSE B 40 29.11 27.55 -5.60
C MSE B 40 29.22 29.02 -5.12
O MSE B 40 30.17 29.72 -5.49
CB MSE B 40 28.56 27.48 -7.02
CG MSE B 40 28.56 26.08 -7.69
SE MSE B 40 27.84 26.08 -9.52
CE MSE B 40 27.01 27.77 -9.25
N LEU B 41 28.28 29.46 -4.28
CA LEU B 41 28.36 30.80 -3.67
C LEU B 41 29.36 30.86 -2.53
N ALA B 42 29.56 29.73 -1.87
CA ALA B 42 30.32 29.66 -0.62
C ALA B 42 31.80 29.22 -0.73
N VAL B 43 32.10 28.38 -1.74
CA VAL B 43 33.42 27.77 -1.87
C VAL B 43 33.82 27.74 -3.33
N ASN B 44 35.12 27.69 -3.55
CA ASN B 44 35.67 27.59 -4.90
C ASN B 44 35.62 26.17 -5.47
N LYS B 45 35.32 26.07 -6.76
CA LYS B 45 35.19 24.78 -7.46
C LYS B 45 34.30 23.81 -6.66
N ALA B 46 33.15 24.31 -6.20
CA ALA B 46 32.25 23.50 -5.40
C ALA B 46 31.82 22.23 -6.13
N HIS B 47 31.76 21.14 -5.35
CA HIS B 47 31.26 19.86 -5.82
C HIS B 47 30.39 19.26 -4.73
N VAL B 48 29.23 18.75 -5.12
CA VAL B 48 28.25 18.23 -4.19
C VAL B 48 27.89 16.80 -4.60
N GLU B 49 28.03 15.84 -3.69
CA GLU B 49 27.60 14.45 -3.90
C GLU B 49 26.57 14.11 -2.86
N LEU B 50 25.42 13.62 -3.29
CA LEU B 50 24.50 12.99 -2.35
C LEU B 50 24.99 11.61 -1.90
N PHE B 51 24.58 11.22 -0.71
CA PHE B 51 24.70 9.83 -0.29
C PHE B 51 23.58 9.50 0.67
N GLY B 52 23.62 8.29 1.21
CA GLY B 52 22.58 7.79 2.09
C GLY B 52 21.49 7.15 1.28
N SER B 53 20.30 7.18 1.85
CA SER B 53 19.12 6.44 1.38
C SER B 53 18.74 6.71 -0.08
N HIS B 54 18.80 7.97 -0.52
CA HIS B 54 18.39 8.29 -1.89
C HIS B 54 19.37 7.81 -2.93
N VAL B 55 20.59 7.48 -2.50
CA VAL B 55 21.58 6.86 -3.39
C VAL B 55 21.53 5.33 -3.35
N SER B 56 21.46 4.73 -2.17
CA SER B 56 21.32 3.28 -2.09
C SER B 56 20.01 2.79 -2.70
N GLY B 57 18.98 3.64 -2.64
CA GLY B 57 17.64 3.25 -3.06
C GLY B 57 16.81 2.59 -1.95
N PHE B 58 17.41 2.38 -0.76
CA PHE B 58 16.64 1.95 0.45
C PHE B 58 16.05 3.19 1.17
N CYS B 59 14.99 3.70 0.54
CA CYS B 59 14.48 5.06 0.80
C CYS B 59 13.00 5.18 0.55
N THR B 60 12.41 6.14 1.24
CA THR B 60 11.07 6.64 0.90
C THR B 60 11.26 8.01 0.22
N PRO B 61 10.19 8.61 -0.32
CA PRO B 61 10.33 9.96 -0.85
C PRO B 61 10.85 11.02 0.14
N HIS B 62 10.66 10.78 1.43
CA HIS B 62 10.99 11.75 2.46
C HIS B 62 12.22 11.40 3.28
N SER B 63 12.99 10.42 2.84
CA SER B 63 14.22 10.04 3.54
C SER B 63 15.20 11.21 3.63
N ASP B 64 15.98 11.26 4.71
CA ASP B 64 17.04 12.26 4.84
C ASP B 64 18.03 12.16 3.68
N ALA B 65 18.52 13.33 3.24
CA ALA B 65 19.60 13.42 2.26
C ALA B 65 20.87 13.77 2.99
N ASP B 66 21.89 12.96 2.77
CA ASP B 66 23.25 13.25 3.24
C ASP B 66 24.00 13.82 2.07
N ILE B 67 24.78 14.86 2.32
CA ILE B 67 25.47 15.57 1.26
C ILE B 67 26.95 15.82 1.65
N SER B 68 27.83 15.47 0.72
CA SER B 68 29.27 15.73 0.83
C SER B 68 29.66 16.87 -0.08
N LEU B 69 30.20 17.93 0.54
CA LEU B 69 30.66 19.12 -0.13
C LEU B 69 32.18 19.06 -0.20
N THR B 70 32.72 19.20 -1.42
CA THR B 70 34.14 19.38 -1.63
C THR B 70 34.39 20.66 -2.48
N TYR B 71 35.66 20.96 -2.71
CA TYR B 71 36.07 22.28 -3.18
C TYR B 71 37.50 22.22 -3.67
N ARG B 72 37.97 23.31 -4.27
CA ARG B 72 39.31 23.40 -4.87
C ARG B 72 40.40 23.04 -3.85
N ASN B 73 41.19 22.03 -4.17
CA ASN B 73 42.27 21.52 -3.31
C ASN B 73 41.84 20.92 -1.97
N PHE B 74 40.58 20.50 -1.89
CA PHE B 74 40.12 19.67 -0.80
C PHE B 74 41.02 18.42 -0.70
N SER B 75 41.32 18.04 0.54
CA SER B 75 41.98 16.76 0.79
C SER B 75 41.28 16.04 1.94
N PRO B 76 40.93 14.75 1.77
CA PRO B 76 40.32 13.96 2.81
C PRO B 76 41.26 13.74 4.00
N TRP B 77 42.54 14.00 3.80
CA TRP B 77 43.58 13.73 4.80
C TRP B 77 43.80 14.84 5.84
N LEU B 78 43.34 16.05 5.52
CA LEU B 78 43.74 17.22 6.31
C LEU B 78 42.80 17.55 7.45
N GLN B 79 41.64 16.91 7.46
CA GLN B 79 40.69 17.21 8.53
C GLN B 79 41.33 16.69 9.86
N GLY B 80 41.24 17.50 10.92
CA GLY B 80 41.99 17.28 12.16
C GLY B 80 43.16 18.24 12.36
N MSE B 81 43.68 18.76 11.25
CA MSE B 81 44.72 19.76 11.30
C MSE B 81 44.06 21.08 11.61
O MSE B 81 43.22 21.55 10.81
CB MSE B 81 45.48 19.86 9.98
CG MSE B 81 46.45 21.01 10.03
SE MSE B 81 47.38 21.33 8.39
CE MSE B 81 48.40 19.75 8.33
N GLU B 82 44.40 21.65 12.77
CA GLU B 82 43.72 22.84 13.29
C GLU B 82 43.53 23.96 12.26
N ARG B 83 44.58 24.29 11.52
CA ARG B 83 44.49 25.38 10.59
C ARG B 83 43.49 25.10 9.45
N VAL B 84 43.42 23.86 9.00
CA VAL B 84 42.50 23.49 7.93
C VAL B 84 41.09 23.34 8.48
N ASP B 85 40.99 22.80 9.69
CA ASP B 85 39.65 22.75 10.33
C ASP B 85 39.04 24.15 10.43
N GLU B 86 39.88 25.13 10.77
CA GLU B 86 39.49 26.56 10.79
C GLU B 86 38.97 27.02 9.43
N GLN B 87 39.70 26.71 8.36
CA GLN B 87 39.27 27.09 7.01
C GLN B 87 37.94 26.42 6.64
N ASN B 88 37.80 25.12 6.95
CA ASN B 88 36.53 24.43 6.69
C ASN B 88 35.38 25.08 7.46
N ASN B 89 35.65 25.55 8.67
CA ASN B 89 34.62 26.28 9.41
C ASN B 89 34.23 27.61 8.73
N LYS B 90 35.18 28.32 8.15
CA LYS B 90 34.86 29.51 7.36
C LYS B 90 33.97 29.12 6.16
N ARG B 91 34.28 28.00 5.49
CA ARG B 91 33.50 27.55 4.34
C ARG B 91 32.07 27.20 4.74
N MSE B 92 31.94 26.47 5.84
CA MSE B 92 30.59 26.06 6.30
C MSE B 92 29.78 27.22 6.87
O MSE B 92 28.55 27.27 6.73
CB MSE B 92 30.70 24.88 7.25
CG MSE B 92 31.34 23.72 6.49
SE MSE B 92 30.20 23.01 5.05
CE MSE B 92 29.60 21.71 6.33
N THR B 93 30.46 28.20 7.44
CA THR B 93 29.80 29.40 7.91
C THR B 93 29.16 30.12 6.72
N ARG B 94 29.91 30.29 5.63
CA ARG B 94 29.32 30.93 4.48
C ARG B 94 28.25 30.06 3.84
N PHE B 95 28.49 28.76 3.76
CA PHE B 95 27.49 27.81 3.22
C PHE B 95 26.14 27.98 3.90
N GLY B 96 26.19 28.09 5.21
CA GLY B 96 24.96 28.24 6.00
C GLY B 96 24.22 29.52 5.68
N LYS B 97 24.97 30.62 5.56
CA LYS B 97 24.39 31.92 5.22
C LYS B 97 23.77 31.89 3.84
N GLU B 98 24.45 31.26 2.88
CA GLU B 98 23.94 31.22 1.51
C GLU B 98 22.75 30.25 1.40
N ALA B 99 22.73 29.18 2.19
CA ALA B 99 21.56 28.30 2.26
C ALA B 99 20.32 29.07 2.72
N SER B 100 20.48 29.88 3.76
CA SER B 100 19.38 30.68 4.23
C SER B 100 18.94 31.66 3.15
N ALA B 101 19.91 32.31 2.53
CA ALA B 101 19.59 33.29 1.45
C ALA B 101 18.75 32.65 0.34
N MSE B 102 19.13 31.44 -0.06
CA MSE B 102 18.44 30.74 -1.16
C MSE B 102 17.10 30.21 -0.76
O MSE B 102 16.32 29.81 -1.64
CB MSE B 102 19.28 29.58 -1.69
CG MSE B 102 20.55 29.99 -2.27
SE MSE B 102 20.40 30.76 -4.05
CE MSE B 102 21.86 29.73 -4.72
N GLY B 103 16.79 30.16 0.53
CA GLY B 103 15.46 29.76 0.99
C GLY B 103 15.37 28.39 1.66
N MSE B 104 16.50 27.81 2.06
CA MSE B 104 16.45 26.60 2.86
C MSE B 104 15.89 26.96 4.23
O MSE B 104 16.06 28.10 4.71
CB MSE B 104 17.82 25.96 3.02
CG MSE B 104 18.53 25.61 1.69
SE MSE B 104 17.47 24.49 0.47
CE MSE B 104 16.64 25.87 -0.62
N GLU B 105 15.20 26.00 4.84
CA GLU B 105 14.54 26.25 6.11
C GLU B 105 15.32 25.64 7.28
N ASP B 106 15.17 26.25 8.45
CA ASP B 106 15.69 25.67 9.70
C ASP B 106 17.20 25.44 9.59
N VAL B 107 17.92 26.39 8.98
CA VAL B 107 19.37 26.22 8.76
C VAL B 107 20.12 26.28 10.08
N ARG B 108 20.94 25.26 10.31
CA ARG B 108 21.72 25.16 11.53
C ARG B 108 23.14 24.79 11.17
N TYR B 109 24.06 25.66 11.54
CA TYR B 109 25.50 25.46 11.35
C TYR B 109 26.05 25.00 12.69
N ILE B 110 26.63 23.81 12.71
CA ILE B 110 27.21 23.25 13.92
C ILE B 110 28.71 23.49 13.86
N ARG B 111 29.18 24.55 14.54
CA ARG B 111 30.62 24.80 14.62
C ARG B 111 31.27 23.69 15.46
N ALA B 112 32.16 22.96 14.81
CA ALA B 112 32.93 21.92 15.49
C ALA B 112 34.21 21.74 14.69
N ARG B 113 35.18 21.02 15.23
CA ARG B 113 36.39 20.71 14.46
C ARG B 113 36.02 19.96 13.17
N ILE B 114 34.91 19.22 13.18
CA ILE B 114 34.28 18.77 11.92
C ILE B 114 32.91 19.45 11.73
N PRO B 115 32.85 20.47 10.86
CA PRO B 115 31.61 21.24 10.69
C PRO B 115 30.48 20.54 9.88
N VAL B 116 29.23 20.77 10.29
CA VAL B 116 28.06 20.32 9.53
C VAL B 116 27.06 21.48 9.39
N VAL B 117 26.34 21.50 8.27
CA VAL B 117 25.20 22.39 8.08
C VAL B 117 23.95 21.53 7.85
N GLN B 118 22.95 21.74 8.69
CA GLN B 118 21.68 21.04 8.55
C GLN B 118 20.59 22.00 8.08
N PHE B 119 19.67 21.51 7.26
CA PHE B 119 18.49 22.28 6.86
C PHE B 119 17.40 21.38 6.28
N THR B 120 16.18 21.94 6.24
CA THR B 120 15.06 21.36 5.56
C THR B 120 14.96 22.00 4.16
N ASP B 121 14.95 21.19 3.12
CA ASP B 121 14.95 21.74 1.76
C ASP B 121 13.71 22.62 1.54
N GLY B 122 13.94 23.90 1.16
CA GLY B 122 12.85 24.85 0.89
C GLY B 122 11.82 24.38 -0.14
N VAL B 123 12.16 23.39 -0.97
CA VAL B 123 11.25 22.89 -2.01
C VAL B 123 10.53 21.62 -1.56
N THR B 124 11.31 20.59 -1.20
CA THR B 124 10.79 19.25 -0.92
C THR B 124 10.48 18.95 0.55
N GLY B 125 10.93 19.77 1.48
CA GLY B 125 10.86 19.45 2.90
C GLY B 125 11.79 18.32 3.40
N ILE B 126 12.60 17.71 2.52
CA ILE B 126 13.63 16.71 2.90
C ILE B 126 14.71 17.33 3.76
N HIS B 127 15.02 16.65 4.87
CA HIS B 127 16.06 17.09 5.79
C HIS B 127 17.42 16.75 5.20
N CYS B 128 18.28 17.76 5.11
CA CYS B 128 19.61 17.62 4.53
C CYS B 128 20.70 17.87 5.56
N ASP B 129 21.72 17.02 5.48
CA ASP B 129 22.89 17.13 6.31
C ASP B 129 24.09 17.27 5.42
N VAL B 130 24.78 18.41 5.48
CA VAL B 130 25.87 18.71 4.56
C VAL B 130 27.16 18.76 5.36
N SER B 131 28.16 18.01 4.96
CA SER B 131 29.44 18.02 5.65
C SER B 131 30.53 18.08 4.64
N ILE B 132 31.75 18.36 5.08
CA ILE B 132 32.85 18.41 4.11
C ILE B 132 33.48 17.03 3.85
N GLY B 133 33.50 16.59 2.59
CA GLY B 133 34.28 15.44 2.18
C GLY B 133 34.00 14.12 2.89
N ASN B 134 32.72 13.75 3.00
CA ASN B 134 32.37 12.42 3.51
C ASN B 134 32.52 11.42 2.37
N ILE B 135 33.79 11.19 2.04
CA ILE B 135 34.14 10.33 0.91
C ILE B 135 33.67 8.89 1.14
N GLY B 136 33.79 8.40 2.37
CA GLY B 136 33.35 7.04 2.70
C GLY B 136 31.85 6.84 2.54
N GLY B 137 31.09 7.86 2.95
CA GLY B 137 29.63 7.80 2.86
C GLY B 137 29.16 7.62 1.43
N VAL B 138 29.81 8.36 0.53
CA VAL B 138 29.49 8.28 -0.90
C VAL B 138 29.75 6.87 -1.42
N GLU B 139 30.92 6.32 -1.13
CA GLU B 139 31.25 4.99 -1.63
C GLU B 139 30.35 3.91 -1.01
N ASN B 140 30.11 3.99 0.28
CA ASN B 140 29.26 3.04 0.95
C ASN B 140 27.87 2.98 0.33
N SER B 141 27.29 4.14 0.03
CA SER B 141 25.96 4.17 -0.57
C SER B 141 25.91 3.55 -1.97
N LYS B 142 26.96 3.76 -2.77
CA LYS B 142 27.09 3.12 -4.07
C LYS B 142 27.20 1.58 -3.98
N ILE B 143 27.89 1.10 -2.94
CA ILE B 143 27.94 -0.32 -2.67
C ILE B 143 26.54 -0.85 -2.32
N LEU B 144 25.83 -0.17 -1.43
CA LEU B 144 24.46 -0.59 -1.10
C LEU B 144 23.52 -0.58 -2.33
N CYS B 145 23.70 0.41 -3.20
CA CYS B 145 22.92 0.50 -4.45
C CYS B 145 23.15 -0.73 -5.31
N ALA B 146 24.42 -1.10 -5.46
CA ALA B 146 24.79 -2.30 -6.24
C ALA B 146 24.17 -3.58 -5.68
N ILE B 147 24.14 -3.69 -4.36
CA ILE B 147 23.46 -4.81 -3.67
C ILE B 147 21.96 -4.82 -4.03
N ARG B 148 21.32 -3.67 -3.93
CA ARG B 148 19.87 -3.58 -4.15
C ARG B 148 19.54 -3.99 -5.57
N GLN B 149 20.40 -3.57 -6.49
CA GLN B 149 20.20 -3.83 -7.91
C GLN B 149 20.23 -5.30 -8.34
N VAL B 150 20.74 -6.19 -7.48
CA VAL B 150 20.65 -7.64 -7.74
C VAL B 150 19.18 -8.08 -7.94
N PHE B 151 18.27 -7.52 -7.15
CA PHE B 151 16.82 -7.82 -7.24
C PHE B 151 16.13 -6.75 -6.36
N PRO B 152 15.84 -5.56 -6.93
CA PRO B 152 15.43 -4.44 -6.09
C PRO B 152 14.28 -4.73 -5.13
N ASP B 153 13.24 -5.41 -5.60
CA ASP B 153 12.09 -5.62 -4.74
C ASP B 153 12.33 -6.64 -3.64
N PHE B 154 13.24 -7.60 -3.85
CA PHE B 154 13.56 -8.55 -2.77
C PHE B 154 14.35 -7.86 -1.61
N TYR B 155 15.53 -7.34 -1.97
CA TYR B 155 16.38 -6.63 -1.00
C TYR B 155 15.66 -5.39 -0.45
N GLY B 156 14.97 -4.68 -1.35
CA GLY B 156 14.21 -3.49 -0.98
C GLY B 156 13.16 -3.77 0.08
N ALA B 157 12.31 -4.79 -0.16
CA ALA B 157 11.23 -5.07 0.79
C ALA B 157 11.79 -5.54 2.11
N TYR B 158 12.81 -6.39 2.06
CA TYR B 158 13.41 -6.94 3.29
C TYR B 158 14.03 -5.84 4.11
N ILE B 159 14.84 -5.00 3.49
CA ILE B 159 15.46 -3.87 4.23
C ILE B 159 14.44 -2.83 4.71
N HIS B 160 13.45 -2.52 3.86
CA HIS B 160 12.39 -1.61 4.29
C HIS B 160 11.68 -2.10 5.58
N LEU B 161 11.33 -3.37 5.59
CA LEU B 161 10.57 -3.92 6.72
C LEU B 161 11.39 -4.03 7.97
N VAL B 162 12.66 -4.40 7.85
CA VAL B 162 13.56 -4.39 9.00
C VAL B 162 13.64 -2.97 9.60
N LYS B 163 13.75 -1.97 8.72
CA LYS B 163 13.81 -0.57 9.17
C LYS B 163 12.50 -0.05 9.76
N ALA B 164 11.38 -0.43 9.13
CA ALA B 164 10.05 -0.01 9.60
C ALA B 164 9.83 -0.58 10.97
N TRP B 165 10.24 -1.83 11.15
CA TRP B 165 10.15 -2.44 12.49
C TRP B 165 11.08 -1.75 13.46
N GLY B 166 12.33 -1.59 13.09
CA GLY B 166 13.32 -1.06 14.02
C GLY B 166 12.95 0.33 14.51
N LYS B 167 12.45 1.15 13.59
CA LYS B 167 12.07 2.52 13.96
C LYS B 167 10.84 2.52 14.86
N ALA B 168 9.84 1.72 14.51
CA ALA B 168 8.64 1.63 15.32
C ALA B 168 8.96 1.23 16.75
N ARG B 169 9.91 0.30 16.91
CA ARG B 169 10.20 -0.29 18.20
C ARG B 169 11.40 0.34 18.91
N GLU B 170 11.91 1.44 18.36
CA GLU B 170 13.00 2.23 18.95
C GLU B 170 14.32 1.43 19.06
N VAL B 171 14.44 0.43 18.20
CA VAL B 171 15.72 -0.27 18.00
C VAL B 171 16.60 0.59 17.10
N ILE B 172 15.98 1.29 16.14
CA ILE B 172 16.62 2.38 15.38
C ILE B 172 16.08 3.69 15.97
N ALA B 173 16.90 4.32 16.81
CA ALA B 173 16.59 5.58 17.49
C ALA B 173 17.92 6.18 18.02
N PRO B 174 18.78 6.69 17.13
CA PRO B 174 20.08 7.21 17.61
C PRO B 174 19.98 8.27 18.72
N GLU B 175 18.84 8.96 18.82
CA GLU B 175 18.60 9.94 19.88
C GLU B 175 18.37 9.33 21.28
N ARG B 176 17.85 8.10 21.31
CA ARG B 176 17.79 7.26 22.52
C ARG B 176 19.05 6.41 22.66
N SER B 177 20.08 6.80 21.93
CA SER B 177 21.29 6.01 21.69
C SER B 177 21.07 4.51 21.47
N THR B 178 20.15 4.19 20.57
CA THR B 178 20.15 2.85 20.01
C THR B 178 20.75 2.96 18.61
N PHE B 179 20.43 2.03 17.74
CA PHE B 179 21.09 1.99 16.43
C PHE B 179 20.67 3.08 15.48
N ASN B 180 21.53 3.33 14.48
CA ASN B 180 21.12 4.04 13.30
C ASN B 180 20.70 3.07 12.18
N SER B 181 20.11 3.62 11.11
CA SER B 181 19.57 2.82 10.02
C SER B 181 20.63 2.08 9.25
N PHE B 182 21.80 2.69 9.06
CA PHE B 182 22.87 2.06 8.28
C PHE B 182 23.34 0.81 9.04
N THR B 183 23.42 0.91 10.36
CA THR B 183 23.93 -0.17 11.20
C THR B 183 22.97 -1.39 11.13
N VAL B 184 21.66 -1.16 11.26
CA VAL B 184 20.69 -2.25 11.18
C VAL B 184 20.60 -2.81 9.76
N THR B 185 20.74 -1.94 8.75
CA THR B 185 20.80 -2.39 7.37
C THR B 185 21.94 -3.38 7.22
N THR B 186 23.11 -3.03 7.75
CA THR B 186 24.29 -3.89 7.64
C THR B 186 24.04 -5.21 8.35
N MSE B 187 23.48 -5.14 9.55
CA MSE B 187 23.12 -6.34 10.30
C MSE B 187 22.20 -7.25 9.49
O MSE B 187 22.38 -8.47 9.43
CB MSE B 187 22.44 -5.98 11.64
CG MSE B 187 23.37 -5.30 12.66
SE MSE B 187 22.55 -4.50 14.20
CE MSE B 187 21.56 -6.07 14.84
N ALA B 188 21.20 -6.65 8.83
CA ALA B 188 20.20 -7.41 8.09
C ALA B 188 20.84 -8.07 6.86
N LEU B 189 21.77 -7.36 6.24
CA LEU B 189 22.43 -7.86 5.05
C LEU B 189 23.35 -9.03 5.40
N MSE B 190 23.97 -8.99 6.56
CA MSE B 190 24.82 -10.12 6.98
C MSE B 190 24.02 -11.40 7.12
O MSE B 190 24.52 -12.47 6.76
CB MSE B 190 25.56 -9.85 8.30
CG MSE B 190 26.67 -10.86 8.47
SE MSE B 190 27.68 -10.76 10.11
CE MSE B 190 26.31 -11.38 11.38
N VAL B 191 22.80 -11.31 7.63
CA VAL B 191 21.93 -12.49 7.69
C VAL B 191 21.71 -13.07 6.30
N LEU B 192 21.47 -12.22 5.30
CA LEU B 192 21.31 -12.72 3.93
C LEU B 192 22.57 -13.42 3.50
N GLN B 193 23.75 -12.86 3.81
CA GLN B 193 25.00 -13.55 3.43
C GLN B 193 25.08 -14.95 4.04
N GLU B 194 24.71 -15.05 5.31
CA GLU B 194 24.77 -16.33 6.01
C GLU B 194 23.79 -17.35 5.43
N LEU B 195 22.69 -16.86 4.86
CA LEU B 195 21.72 -17.71 4.13
C LEU B 195 22.11 -18.07 2.68
N GLY B 196 23.17 -17.46 2.16
CA GLY B 196 23.59 -17.63 0.76
C GLY B 196 22.81 -16.79 -0.23
N LEU B 197 22.09 -15.79 0.28
CA LEU B 197 21.25 -14.91 -0.53
C LEU B 197 21.94 -13.56 -0.88
N LEU B 198 23.23 -13.46 -0.54
CA LEU B 198 24.10 -12.35 -0.90
C LEU B 198 25.52 -12.88 -0.75
N PRO B 199 26.43 -12.51 -1.69
CA PRO B 199 27.80 -12.96 -1.55
C PRO B 199 28.54 -12.25 -0.44
N VAL B 200 29.58 -12.91 0.06
CA VAL B 200 30.52 -12.35 1.02
C VAL B 200 31.62 -11.59 0.27
N PHE B 201 31.84 -10.35 0.69
CA PHE B 201 32.80 -9.44 0.05
C PHE B 201 34.18 -9.67 0.63
N SER B 202 34.69 -10.88 0.38
CA SER B 202 35.87 -11.38 1.09
C SER B 202 37.21 -10.90 0.54
N LYS B 203 37.21 -10.17 -0.58
CA LYS B 203 38.47 -9.75 -1.20
C LYS B 203 38.51 -8.22 -1.39
N PRO B 204 38.54 -7.45 -0.29
CA PRO B 204 38.68 -6.00 -0.47
C PRO B 204 40.06 -5.62 -1.03
N THR B 205 40.08 -4.71 -2.01
CA THR B 205 41.32 -4.34 -2.73
C THR B 205 41.66 -2.85 -2.59
N GLY B 206 41.01 -2.17 -1.66
CA GLY B 206 41.28 -0.77 -1.41
C GLY B 206 42.69 -0.50 -0.95
N GLU B 207 43.15 0.72 -1.22
CA GLU B 207 44.51 1.15 -0.89
C GLU B 207 44.88 0.87 0.55
N PHE B 208 43.88 0.99 1.43
CA PHE B 208 44.05 0.81 2.86
C PHE B 208 43.38 -0.46 3.37
N GLY B 209 43.15 -1.41 2.48
CA GLY B 209 42.52 -2.67 2.88
C GLY B 209 41.01 -2.66 2.88
N GLU B 210 40.40 -1.53 2.55
CA GLU B 210 38.94 -1.39 2.60
C GLU B 210 38.23 -1.93 1.36
N LEU B 211 36.92 -2.17 1.46
CA LEU B 211 36.12 -2.56 0.28
C LEU B 211 35.86 -1.36 -0.65
N THR B 212 36.04 -1.56 -1.96
CA THR B 212 35.73 -0.54 -2.94
C THR B 212 34.44 -0.85 -3.68
N VAL B 213 33.88 0.17 -4.33
CA VAL B 213 32.73 0.01 -5.20
C VAL B 213 32.97 -1.03 -6.29
N ALA B 214 34.14 -0.98 -6.92
CA ALA B 214 34.45 -1.96 -7.96
C ALA B 214 34.50 -3.41 -7.42
N ASP B 215 35.05 -3.60 -6.21
CA ASP B 215 35.05 -4.90 -5.55
C ASP B 215 33.62 -5.46 -5.47
N ALA B 216 32.72 -4.62 -4.98
CA ALA B 216 31.34 -5.00 -4.76
C ALA B 216 30.64 -5.27 -6.11
N GLU B 217 30.75 -4.33 -7.02
CA GLU B 217 30.10 -4.44 -8.32
C GLU B 217 30.51 -5.70 -9.10
N MSE B 218 31.80 -6.02 -9.10
CA MSE B 218 32.25 -7.17 -9.87
C MSE B 218 31.79 -8.49 -9.24
O MSE B 218 31.47 -9.45 -9.95
CB MSE B 218 33.77 -7.09 -10.03
CG MSE B 218 34.19 -5.84 -10.80
SE MSE B 218 33.46 -5.82 -12.63
CE MSE B 218 34.33 -7.40 -13.27
N LEU B 219 31.73 -8.55 -7.91
CA LEU B 219 31.27 -9.77 -7.26
C LEU B 219 29.78 -9.94 -7.48
N LEU B 220 29.03 -8.85 -7.30
CA LEU B 220 27.58 -8.91 -7.41
C LEU B 220 27.17 -9.30 -8.85
N GLN B 221 27.97 -8.89 -9.82
CA GLN B 221 27.75 -9.30 -11.23
C GLN B 221 27.86 -10.83 -11.45
N GLU B 222 28.70 -11.51 -10.70
CA GLU B 222 28.81 -12.97 -10.82
C GLU B 222 27.85 -13.71 -9.90
N PHE B 223 27.26 -12.98 -8.96
CA PHE B 223 26.34 -13.58 -8.03
C PHE B 223 24.98 -13.90 -8.62
N LYS B 224 24.48 -15.09 -8.27
CA LYS B 224 23.16 -15.54 -8.69
C LYS B 224 22.35 -15.95 -7.49
N LEU B 225 21.13 -15.43 -7.38
CA LEU B 225 20.19 -15.93 -6.37
C LEU B 225 19.74 -17.33 -6.79
N PRO B 226 19.21 -18.12 -5.85
CA PRO B 226 18.70 -19.44 -6.28
C PRO B 226 17.65 -19.30 -7.41
N PRO B 227 17.54 -20.30 -8.30
CA PRO B 227 16.66 -20.13 -9.46
C PRO B 227 15.19 -19.80 -9.18
N ILE B 228 14.66 -20.24 -8.04
CA ILE B 228 13.26 -19.91 -7.63
C ILE B 228 12.98 -18.40 -7.61
N TYR B 229 13.99 -17.61 -7.29
CA TYR B 229 13.84 -16.15 -7.32
C TYR B 229 13.42 -15.61 -8.69
N ASP B 230 13.77 -16.29 -9.77
CA ASP B 230 13.36 -15.84 -11.10
C ASP B 230 11.83 -15.79 -11.28
N SER B 231 11.10 -16.54 -10.43
CA SER B 231 9.63 -16.64 -10.46
C SER B 231 8.92 -15.68 -9.48
N LEU B 232 9.69 -14.81 -8.83
CA LEU B 232 9.17 -13.96 -7.75
C LEU B 232 8.98 -12.48 -8.15
N HIS B 233 9.17 -12.17 -9.42
CA HIS B 233 9.23 -10.75 -9.85
C HIS B 233 7.90 -10.10 -10.12
N ASP B 234 6.86 -10.89 -10.37
CA ASP B 234 5.55 -10.34 -10.72
C ASP B 234 4.45 -10.80 -9.79
N ASP B 235 4.82 -11.22 -8.59
CA ASP B 235 3.83 -11.74 -7.66
C ASP B 235 4.28 -11.54 -6.19
N ASP B 236 3.67 -10.57 -5.54
CA ASP B 236 4.06 -10.22 -4.17
C ASP B 236 3.65 -11.23 -3.11
N GLU B 237 2.71 -12.12 -3.44
CA GLU B 237 2.38 -13.24 -2.55
C GLU B 237 3.58 -14.17 -2.47
N LYS B 238 4.11 -14.52 -3.64
CA LYS B 238 5.26 -15.41 -3.78
C LYS B 238 6.54 -14.73 -3.24
N LEU B 239 6.81 -13.51 -3.68
CA LEU B 239 7.96 -12.73 -3.16
C LEU B 239 7.88 -12.53 -1.65
N GLY B 240 6.69 -12.17 -1.15
CA GLY B 240 6.52 -11.95 0.28
C GLY B 240 6.79 -13.18 1.12
N GLU B 241 6.51 -14.38 0.60
CA GLU B 241 6.90 -15.59 1.32
C GLU B 241 8.41 -15.68 1.49
N ALA B 242 9.18 -15.33 0.46
CA ALA B 242 10.64 -15.33 0.60
C ALA B 242 11.14 -14.25 1.59
N VAL B 243 10.59 -13.05 1.49
CA VAL B 243 10.95 -11.98 2.40
C VAL B 243 10.60 -12.34 3.84
N PHE B 244 9.44 -12.97 4.02
CA PHE B 244 9.00 -13.35 5.38
C PHE B 244 9.96 -14.37 5.99
N PHE B 245 10.35 -15.39 5.23
CA PHE B 245 11.34 -16.38 5.71
C PHE B 245 12.62 -15.66 6.16
N CYS B 246 13.09 -14.72 5.35
CA CYS B 246 14.30 -13.94 5.68
C CYS B 246 14.10 -13.07 6.93
N LEU B 247 12.93 -12.49 7.11
CA LEU B 247 12.64 -11.74 8.35
C LEU B 247 12.64 -12.65 9.57
N GLN B 248 12.08 -13.86 9.44
CA GLN B 248 12.15 -14.86 10.53
C GLN B 248 13.61 -15.16 10.89
N ARG B 249 14.43 -15.41 9.89
CA ARG B 249 15.86 -15.72 10.11
C ARG B 249 16.60 -14.55 10.75
N PHE B 250 16.28 -13.33 10.32
CA PHE B 250 16.86 -12.10 10.89
C PHE B 250 16.53 -11.95 12.39
N ALA B 251 15.26 -12.10 12.71
CA ALA B 251 14.80 -11.95 14.09
C ALA B 251 15.48 -13.01 14.95
N GLU B 252 15.47 -14.24 14.46
CA GLU B 252 16.05 -15.34 15.23
C GLU B 252 17.57 -15.16 15.38
N TYR B 253 18.25 -14.77 14.30
CA TYR B 253 19.71 -14.61 14.29
C TYR B 253 20.13 -13.67 15.40
N TYR B 254 19.56 -12.47 15.44
CA TYR B 254 19.98 -11.47 16.46
C TYR B 254 19.38 -11.67 17.88
N ALA B 255 18.26 -12.38 17.98
CA ALA B 255 17.75 -12.79 19.28
C ALA B 255 18.74 -13.75 19.96
N LYS B 256 19.51 -14.50 19.14
CA LYS B 256 20.63 -15.43 19.57
C LYS B 256 22.16 -15.11 19.30
N TYR B 257 22.50 -14.22 18.38
CA TYR B 257 23.91 -14.04 17.93
C TYR B 257 24.89 -13.72 19.07
N ASP B 258 26.06 -14.33 19.06
CA ASP B 258 27.01 -14.09 20.15
C ASP B 258 27.89 -12.90 19.84
N PHE B 259 27.38 -11.73 20.24
CA PHE B 259 28.11 -10.47 20.07
C PHE B 259 29.32 -10.46 21.00
N SER B 260 29.33 -11.31 22.02
CA SER B 260 30.45 -11.29 22.98
C SER B 260 31.75 -11.64 22.29
N ALA B 261 31.69 -12.51 21.27
CA ALA B 261 32.91 -12.89 20.60
C ALA B 261 32.95 -12.33 19.20
N GLY B 262 31.80 -12.32 18.53
CA GLY B 262 31.75 -12.03 17.10
C GLY B 262 31.32 -10.60 16.76
N THR B 263 31.69 -10.19 15.56
CA THR B 263 31.31 -8.88 15.03
C THR B 263 30.35 -9.06 13.87
N VAL B 264 29.72 -7.94 13.49
CA VAL B 264 28.95 -7.88 12.28
C VAL B 264 29.79 -7.20 11.19
N SER B 265 29.98 -7.92 10.09
CA SER B 265 30.78 -7.51 8.91
C SER B 265 30.22 -8.14 7.61
N LEU B 266 30.23 -7.37 6.53
CA LEU B 266 29.90 -7.90 5.19
C LEU B 266 31.14 -8.38 4.45
N ILE B 267 32.33 -8.06 4.95
CA ILE B 267 33.61 -8.56 4.41
C ILE B 267 33.95 -9.94 4.98
N HIS B 268 33.73 -10.10 6.29
CA HIS B 268 34.01 -11.34 6.99
C HIS B 268 32.98 -11.59 8.08
N PRO B 269 31.80 -12.15 7.72
CA PRO B 269 30.76 -12.36 8.68
C PRO B 269 31.28 -13.14 9.88
N ARG B 270 30.90 -12.66 11.06
CA ARG B 270 31.22 -13.29 12.38
C ARG B 270 32.68 -13.21 12.80
N ARG B 271 33.47 -12.41 12.10
CA ARG B 271 34.86 -12.18 12.49
C ARG B 271 34.99 -11.81 13.98
N HIS B 272 35.94 -12.46 14.65
CA HIS B 272 36.10 -12.30 16.12
C HIS B 272 36.47 -10.84 16.43
N ARG B 273 35.95 -10.33 17.54
CA ARG B 273 36.29 -8.99 17.97
C ARG B 273 37.79 -8.73 17.97
N THR B 274 38.58 -9.70 18.40
CA THR B 274 40.01 -9.47 18.57
C THR B 274 40.73 -9.46 17.22
N VAL B 275 40.12 -10.12 16.24
CA VAL B 275 40.62 -10.09 14.86
C VAL B 275 40.23 -8.75 14.18
N TYR B 276 39.00 -8.29 14.41
CA TYR B 276 38.60 -6.93 13.99
C TYR B 276 39.57 -5.88 14.58
N GLU B 277 39.95 -6.04 15.84
CA GLU B 277 40.96 -5.13 16.47
C GLU B 277 42.26 -5.10 15.66
N ARG B 278 42.74 -6.27 15.23
CA ARG B 278 43.95 -6.39 14.44
C ARG B 278 43.76 -5.75 13.06
N VAL B 279 42.61 -5.98 12.44
CA VAL B 279 42.28 -5.37 11.14
C VAL B 279 42.30 -3.83 11.26
N VAL B 280 41.74 -3.32 12.35
CA VAL B 280 41.70 -1.89 12.60
C VAL B 280 43.12 -1.34 12.80
N ARG B 281 43.95 -2.06 13.56
CA ARG B 281 45.32 -1.60 13.81
C ARG B 281 46.10 -1.48 12.50
N ARG B 282 45.97 -2.49 11.64
CA ARG B 282 46.66 -2.52 10.36
C ARG B 282 46.18 -1.36 9.48
N HIS B 283 44.87 -1.20 9.37
CA HIS B 283 44.25 -0.09 8.66
C HIS B 283 44.75 1.26 9.16
N LEU B 284 44.73 1.47 10.49
CA LEU B 284 45.13 2.76 11.06
C LEU B 284 46.60 3.07 10.91
N GLU B 285 47.46 2.05 10.89
CA GLU B 285 48.88 2.26 10.67
C GLU B 285 49.12 2.74 9.23
N LEU B 286 48.40 2.16 8.27
CA LEU B 286 48.51 2.64 6.87
C LEU B 286 47.91 4.04 6.70
N LEU B 287 46.77 4.26 7.32
CA LEU B 287 46.08 5.56 7.32
C LEU B 287 46.96 6.65 7.95
N GLY B 288 47.63 6.31 9.05
CA GLY B 288 48.46 7.24 9.78
C GLY B 288 49.65 7.71 8.97
N SER B 289 50.27 6.79 8.26
CA SER B 289 51.41 7.13 7.43
C SER B 289 51.01 8.09 6.33
N ARG B 290 49.92 7.78 5.64
CA ARG B 290 49.45 8.66 4.58
C ARG B 290 49.00 10.03 5.11
N LYS B 291 48.29 10.03 6.23
CA LYS B 291 47.78 11.26 6.80
C LYS B 291 48.93 12.20 7.15
N ARG B 292 49.95 11.68 7.81
CA ARG B 292 51.08 12.50 8.17
C ARG B 292 51.77 13.06 6.90
N LEU B 293 51.95 12.23 5.88
CA LEU B 293 52.56 12.69 4.63
C LEU B 293 51.77 13.84 3.99
N GLU B 294 50.44 13.72 4.01
CA GLU B 294 49.57 14.73 3.42
C GLU B 294 49.59 16.04 4.23
N TRP B 295 49.68 15.92 5.57
CA TRP B 295 49.84 17.10 6.44
C TRP B 295 51.13 17.83 6.03
N GLU B 296 52.22 17.09 5.83
CA GLU B 296 53.51 17.71 5.53
C GLU B 296 53.43 18.40 4.16
N LYS B 297 52.70 17.77 3.25
CA LYS B 297 52.50 18.36 1.92
C LYS B 297 51.78 19.70 2.03
N HIS B 298 50.72 19.76 2.84
CA HIS B 298 49.97 20.99 3.03
C HIS B 298 50.88 22.07 3.62
N ILE B 299 51.64 21.69 4.63
CA ILE B 299 52.51 22.63 5.35
C ILE B 299 53.61 23.16 4.42
N ALA B 300 54.13 22.33 3.53
CA ALA B 300 55.09 22.78 2.52
C ALA B 300 54.49 23.84 1.58
N GLU B 301 53.21 23.65 1.23
CA GLU B 301 52.44 24.57 0.36
C GLU B 301 51.98 25.84 1.08
N HIS B 302 51.88 25.77 2.41
CA HIS B 302 51.39 26.86 3.27
C HIS B 302 52.22 26.91 4.56
N LYS B 303 53.41 27.51 4.43
CA LYS B 303 54.41 27.43 5.48
C LYS B 303 53.96 28.05 6.78
N GLU B 304 53.11 29.07 6.71
CA GLU B 304 52.66 29.72 7.93
C GLU B 304 51.79 28.81 8.80
N ASP B 305 51.32 27.69 8.26
CA ASP B 305 50.55 26.68 9.01
C ASP B 305 51.42 25.63 9.69
N GLY B 306 52.73 25.71 9.50
CA GLY B 306 53.65 24.77 10.11
C GLY B 306 54.38 25.36 11.30
N PRO B 307 55.29 24.57 11.91
CA PRO B 307 55.58 23.20 11.55
C PRO B 307 54.49 22.25 12.05
N LEU B 308 54.60 20.98 11.69
CA LEU B 308 53.60 19.98 12.06
C LEU B 308 53.48 19.94 13.56
N ASP B 309 52.25 19.99 14.08
CA ASP B 309 52.05 19.96 15.52
C ASP B 309 51.80 18.50 15.92
N GLU B 310 52.76 17.91 16.62
CA GLU B 310 52.66 16.53 17.03
C GLU B 310 51.45 16.21 17.88
N ASN B 311 51.08 17.12 18.79
CA ASN B 311 49.91 16.93 19.64
C ASN B 311 48.61 16.88 18.84
N ASP B 312 48.45 17.81 17.91
CA ASP B 312 47.26 17.82 17.04
CA ASP B 312 47.26 17.82 17.03
C ASP B 312 47.20 16.54 16.21
N PHE B 313 48.36 16.10 15.69
CA PHE B 313 48.40 14.91 14.88
C PHE B 313 47.97 13.69 15.70
N SER B 314 48.55 13.59 16.89
CA SER B 314 48.22 12.50 17.80
CA SER B 314 48.21 12.49 17.81
C SER B 314 46.73 12.51 18.16
N ALA B 315 46.20 13.70 18.42
CA ALA B 315 44.78 13.82 18.70
C ALA B 315 43.93 13.32 17.52
N SER B 316 44.34 13.66 16.31
CA SER B 316 43.60 13.23 15.10
CA SER B 316 43.59 13.22 15.11
C SER B 316 43.58 11.69 14.99
N MSE B 317 44.72 11.07 15.24
CA MSE B 317 44.81 9.61 15.15
C MSE B 317 44.07 8.94 16.32
O MSE B 317 43.50 7.86 16.15
CB MSE B 317 46.28 9.16 15.06
CG MSE B 317 46.97 9.56 13.73
SE MSE B 317 45.95 8.97 12.14
CE MSE B 317 45.84 7.06 12.47
N GLN B 318 44.04 9.58 17.48
CA GLN B 318 43.22 9.09 18.58
C GLN B 318 41.74 9.10 18.21
N ASN B 319 41.31 10.13 17.50
CA ASN B 319 39.94 10.19 17.00
C ASN B 319 39.64 9.04 16.04
N GLU B 320 40.58 8.69 15.18
CA GLU B 320 40.38 7.51 14.33
C GLU B 320 40.22 6.23 15.15
N THR B 321 41.01 6.10 16.22
CA THR B 321 40.95 4.94 17.06
C THR B 321 39.62 4.85 17.78
N THR B 322 39.14 5.99 18.27
CA THR B 322 37.90 6.03 19.05
C THR B 322 36.65 5.75 18.17
N GLN B 323 36.79 5.91 16.84
CA GLN B 323 35.74 5.53 15.91
C GLN B 323 35.68 4.00 15.64
N ARG B 324 36.68 3.27 16.16
CA ARG B 324 36.84 1.84 15.82
C ARG B 324 37.10 0.95 17.05
N PRO B 325 36.33 1.12 18.16
CA PRO B 325 36.51 0.23 19.30
C PRO B 325 36.03 -1.19 19.03
N SER B 326 36.76 -2.18 19.55
CA SER B 326 36.38 -3.57 19.40
C SER B 326 35.67 -4.11 20.64
N ASN B 327 35.46 -3.28 21.65
CA ASN B 327 34.96 -3.77 22.93
C ASN B 327 33.59 -3.18 23.34
N SER B 328 32.92 -2.53 22.39
CA SER B 328 31.60 -1.99 22.65
C SER B 328 30.58 -3.11 22.68
N PRO B 329 29.39 -2.83 23.25
CA PRO B 329 28.36 -3.85 23.24
C PRO B 329 28.14 -4.48 21.86
N TYR B 330 28.07 -3.62 20.83
CA TYR B 330 27.88 -4.06 19.44
C TYR B 330 29.03 -3.58 18.58
N VAL B 331 29.57 -4.47 17.76
CA VAL B 331 30.60 -4.07 16.80
C VAL B 331 30.03 -4.39 15.43
N VAL B 332 29.68 -3.33 14.70
CA VAL B 332 29.14 -3.40 13.35
C VAL B 332 30.05 -2.58 12.47
N GLU B 333 30.67 -3.28 11.54
CA GLU B 333 31.78 -2.77 10.71
C GLU B 333 31.31 -2.11 9.43
N ASP B 334 31.70 -0.85 9.24
CA ASP B 334 31.53 -0.18 7.98
C ASP B 334 32.64 -0.65 7.04
N PHE B 335 32.21 -1.24 5.95
CA PHE B 335 33.12 -1.92 5.01
C PHE B 335 34.01 -0.98 4.22
N VAL B 336 33.73 0.33 4.16
CA VAL B 336 34.60 1.24 3.41
C VAL B 336 35.71 1.88 4.28
N ASN B 337 35.66 1.72 5.59
CA ASN B 337 36.65 2.38 6.43
C ASN B 337 36.91 1.72 7.77
N TYR B 338 36.32 0.53 7.98
CA TYR B 338 36.40 -0.19 9.27
C TYR B 338 35.89 0.53 10.55
N VAL B 339 35.14 1.62 10.35
CA VAL B 339 34.51 2.27 11.50
C VAL B 339 33.52 1.32 12.14
N ASN B 340 33.44 1.37 13.46
CA ASN B 340 32.42 0.66 14.21
C ASN B 340 31.19 1.56 14.31
N CYS B 341 30.22 1.32 13.42
CA CYS B 341 29.04 2.18 13.32
CA CYS B 341 29.00 2.13 13.31
C CYS B 341 28.06 1.92 14.48
N GLY B 342 28.26 0.83 15.20
CA GLY B 342 27.46 0.55 16.39
C GLY B 342 28.03 1.01 17.71
N ARG B 343 29.16 1.70 17.69
CA ARG B 343 29.91 2.04 18.91
C ARG B 343 29.19 2.95 19.93
N ARG B 344 28.25 3.77 19.45
CA ARG B 344 27.58 4.72 20.32
C ARG B 344 26.44 4.07 21.08
N VAL B 345 26.09 2.82 20.78
CA VAL B 345 25.04 2.12 21.52
C VAL B 345 25.63 1.69 22.87
N GLN B 346 25.09 2.27 23.92
CA GLN B 346 25.60 2.03 25.28
C GLN B 346 25.15 0.70 25.80
N ALA B 347 25.94 0.16 26.73
CA ALA B 347 25.66 -1.12 27.34
C ALA B 347 24.23 -1.19 27.92
N SER B 348 23.76 -0.09 28.51
CA SER B 348 22.45 0.01 29.15
CA SER B 348 22.45 -0.07 29.18
C SER B 348 21.27 -0.08 28.17
N ARG B 349 21.54 0.03 26.87
CA ARG B 349 20.51 -0.07 25.82
C ARG B 349 20.34 -1.48 25.28
N VAL B 350 21.25 -2.38 25.66
CA VAL B 350 21.17 -3.79 25.23
C VAL B 350 19.88 -4.44 25.67
N ARG B 351 19.47 -4.11 26.90
CA ARG B 351 18.26 -4.64 27.47
C ARG B 351 17.08 -4.47 26.54
N HIS B 352 16.86 -3.24 26.09
CA HIS B 352 15.74 -2.94 25.20
C HIS B 352 15.87 -3.61 23.83
N ILE B 353 17.05 -3.55 23.24
CA ILE B 353 17.30 -4.09 21.90
C ILE B 353 17.06 -5.59 21.91
N GLN B 354 17.61 -6.26 22.92
CA GLN B 354 17.42 -7.71 23.08
C GLN B 354 15.96 -8.09 23.27
N GLN B 355 15.24 -7.37 24.13
CA GLN B 355 13.83 -7.65 24.29
C GLN B 355 13.00 -7.43 23.04
N GLU B 356 13.36 -6.41 22.25
CA GLU B 356 12.63 -6.19 20.99
C GLU B 356 12.94 -7.29 19.97
N PHE B 357 14.18 -7.79 19.96
CA PHE B 357 14.49 -8.90 19.05
C PHE B 357 13.75 -10.16 19.52
N ASN B 358 13.70 -10.39 20.84
CA ASN B 358 12.95 -11.52 21.39
C ASN B 358 11.48 -11.46 20.99
N ARG B 359 10.89 -10.27 21.14
CA ARG B 359 9.49 -10.05 20.80
C ARG B 359 9.24 -10.28 19.29
N LEU B 360 10.12 -9.79 18.40
CA LEU B 360 9.98 -10.03 16.96
C LEU B 360 10.08 -11.51 16.62
N ARG B 361 11.10 -12.17 17.18
CA ARG B 361 11.27 -13.60 16.99
C ARG B 361 10.00 -14.36 17.44
N GLU B 362 9.51 -14.05 18.65
N GLU B 362 9.51 -14.05 18.65
CA GLU B 362 8.32 -14.71 19.18
CA GLU B 362 8.32 -14.71 19.19
C GLU B 362 7.11 -14.53 18.26
C GLU B 362 7.10 -14.53 18.29
N MSE B 363 6.88 -13.32 17.80
CA MSE B 363 5.73 -13.04 16.94
C MSE B 363 5.85 -13.68 15.55
O MSE B 363 4.87 -14.25 15.04
CB MSE B 363 5.47 -11.54 16.87
CG MSE B 363 5.05 -10.94 18.23
SE MSE B 363 4.71 -9.06 18.12
CE MSE B 363 3.84 -8.78 19.85
N LEU B 364 7.02 -13.63 14.94
CA LEU B 364 7.15 -14.13 13.56
C LEU B 364 7.28 -15.65 13.50
N ILE B 365 7.78 -16.26 14.59
CA ILE B 365 8.09 -17.69 14.59
C ILE B 365 7.19 -18.50 15.51
N ASP B 366 7.06 -18.09 16.76
CA ASP B 366 6.28 -18.90 17.72
C ASP B 366 4.78 -18.69 17.60
N LYS B 367 4.37 -17.50 17.15
CA LYS B 367 2.94 -17.12 17.15
C LYS B 367 2.45 -16.70 15.76
N GLU B 368 2.83 -17.47 14.74
CA GLU B 368 2.39 -17.18 13.36
C GLU B 368 0.87 -17.03 13.17
N SER B 369 0.10 -17.93 13.79
CA SER B 369 -1.35 -17.96 13.64
CA SER B 369 -1.36 -17.95 13.65
C SER B 369 -2.01 -16.71 14.25
N GLU B 370 -1.25 -15.96 15.05
CA GLU B 370 -1.75 -14.73 15.68
C GLU B 370 -1.17 -13.46 15.05
N LEU B 371 -0.41 -13.60 13.97
CA LEU B 371 0.25 -12.44 13.37
C LEU B 371 -0.72 -11.34 12.96
N LYS B 372 -0.40 -10.13 13.38
CA LYS B 372 -1.11 -8.93 12.98
C LYS B 372 -0.06 -7.86 12.68
N PHE B 373 -0.08 -7.36 11.44
CA PHE B 373 0.88 -6.34 11.04
C PHE B 373 0.90 -5.14 11.98
N ASP B 374 -0.27 -4.66 12.39
CA ASP B 374 -0.38 -3.44 13.19
C ASP B 374 0.14 -3.67 14.61
N GLU B 375 0.21 -4.93 15.03
CA GLU B 375 0.83 -5.26 16.31
C GLU B 375 2.35 -5.39 16.22
N VAL B 376 2.85 -6.16 15.25
CA VAL B 376 4.31 -6.33 15.11
C VAL B 376 5.00 -4.98 14.98
N PHE B 377 4.43 -4.13 14.12
CA PHE B 377 4.97 -2.82 13.82
C PHE B 377 4.37 -1.68 14.65
N ARG B 378 3.74 -2.01 15.77
CA ARG B 378 3.16 -0.97 16.65
C ARG B 378 4.23 -0.01 17.17
N GLU B 379 3.96 1.29 17.05
CA GLU B 379 4.87 2.31 17.61
C GLU B 379 5.05 2.06 19.11
N SER B 380 6.30 2.09 19.58
CA SER B 380 6.58 1.97 21.00
C SER B 380 5.77 2.97 21.84
N ASP B 381 5.29 2.50 22.98
CA ASP B 381 4.70 3.36 24.00
C ASP B 381 3.39 4.03 23.53
N THR B 382 2.68 3.38 22.60
CA THR B 382 1.36 3.83 22.15
C THR B 382 0.26 2.85 22.54
N VAL B 383 -0.99 3.32 22.42
CA VAL B 383 -2.18 2.53 22.73
C VAL B 383 -3.03 2.35 21.45
N PRO B 384 -3.60 1.15 21.26
CA PRO B 384 -4.48 0.90 20.09
C PRO B 384 -5.69 1.84 19.99
#